data_4XDO
#
_entry.id   4XDO
#
_cell.length_a   93.930
_cell.length_b   89.770
_cell.length_c   98.460
_cell.angle_alpha   90.000
_cell.angle_beta   96.490
_cell.angle_gamma   90.000
#
_symmetry.space_group_name_H-M   'C 1 2 1'
#
loop_
_entity.id
_entity.type
_entity.pdbx_description
1 polymer 'Lysine-specific demethylase 4C'
2 non-polymer 'ZINC ION'
3 non-polymer 'FE (III) ION'
4 non-polymer N-OXALYLGLYCINE
5 non-polymer 'TRIETHYLENE GLYCOL'
6 non-polymer 1,2-ETHANEDIOL
7 non-polymer 'TETRAETHYLENE GLYCOL'
8 water water
#
_entity_poly.entity_id   1
_entity_poly.type   'polypeptide(L)'
_entity_poly.pdbx_seq_one_letter_code
;LNPSCKIMTFRPSMEEFREFNKYLAYMESKGAHRAGLAKVIPPKEWKPRQCYDDIDNLLIPAPIQQMVTGQSGLFTQYNI
QKKAMTVKEFRQLANSGKYCTPRYLDYEDLERKYWKNLTFVAPIYGADINGSIYDEGVDEWNIARLNTVLDVVEEECGIS
IEGVNTPYLYFGMWKTTFAWHTEDMDLYSINYLHFGEPKSWYAIPPEHGKRLERLAQGFFPSSSQGCDAFLRHKMTLISP
SVLKKYGIPFDKITQEAGEFMITFPYGYHAGFNHGFNCAESTNFATVRWIDYGKVAKLCTCRKDMVKISMDIFVRKFQPD
RYQLWKQGKDIYTIDHTK
;
_entity_poly.pdbx_strand_id   A,B
#
loop_
_chem_comp.id
_chem_comp.type
_chem_comp.name
_chem_comp.formula
EDO non-polymer 1,2-ETHANEDIOL 'C2 H6 O2'
FE non-polymer 'FE (III) ION' 'Fe 3'
OGA non-polymer N-OXALYLGLYCINE 'C4 H5 N O5'
PG4 non-polymer 'TETRAETHYLENE GLYCOL' 'C8 H18 O5'
PGE non-polymer 'TRIETHYLENE GLYCOL' 'C6 H14 O4'
ZN non-polymer 'ZINC ION' 'Zn 2'
#
# COMPACT_ATOMS: atom_id res chain seq x y z
N LEU A 1 35.78 -4.08 5.02
CA LEU A 1 35.47 -5.39 4.39
C LEU A 1 35.04 -6.45 5.43
N ASN A 2 35.66 -6.53 6.61
CA ASN A 2 35.21 -7.48 7.67
C ASN A 2 34.86 -8.88 7.14
N PRO A 3 35.82 -9.57 6.48
CA PRO A 3 35.52 -10.91 5.89
C PRO A 3 35.12 -12.02 6.91
N SER A 4 35.49 -11.87 8.17
CA SER A 4 35.06 -12.83 9.21
C SER A 4 33.60 -12.63 9.65
N CYS A 5 33.02 -11.47 9.26
CA CYS A 5 31.63 -11.15 9.48
C CYS A 5 31.40 -11.13 10.98
N LYS A 6 32.43 -10.72 11.72
CA LYS A 6 32.39 -10.64 13.17
C LYS A 6 31.79 -9.29 13.60
N ILE A 7 31.24 -9.29 14.81
CA ILE A 7 30.53 -8.12 15.32
C ILE A 7 31.60 -7.07 15.67
N MET A 8 31.47 -5.88 15.08
CA MET A 8 32.40 -4.76 15.32
C MET A 8 31.93 -3.76 16.40
N THR A 9 32.87 -3.18 17.11
CA THR A 9 32.60 -2.23 18.10
C THR A 9 33.32 -0.90 17.71
N PHE A 10 32.57 0.22 17.70
CA PHE A 10 33.04 1.52 17.26
C PHE A 10 33.14 2.42 18.48
N ARG A 11 34.22 3.19 18.53
CA ARG A 11 34.47 4.11 19.60
C ARG A 11 34.69 5.48 18.95
N PRO A 12 33.60 6.12 18.52
CA PRO A 12 33.79 7.40 17.86
C PRO A 12 34.24 8.48 18.77
N SER A 13 35.00 9.42 18.21
CA SER A 13 35.24 10.66 18.98
C SER A 13 33.94 11.51 19.00
N MET A 14 33.89 12.60 19.78
CA MET A 14 32.69 13.41 19.80
C MET A 14 32.37 13.98 18.41
N GLU A 15 33.40 14.36 17.70
CA GLU A 15 33.18 14.95 16.39
C GLU A 15 32.70 13.96 15.34
N GLU A 16 33.15 12.71 15.48
CA GLU A 16 32.65 11.62 14.64
C GLU A 16 31.22 11.28 15.04
N PHE A 17 30.93 11.38 16.32
CA PHE A 17 29.68 10.89 16.87
C PHE A 17 28.51 11.77 16.52
N ARG A 18 28.73 13.09 16.39
CA ARG A 18 27.64 14.08 16.36
C ARG A 18 26.55 13.69 15.41
N GLU A 19 26.91 13.29 14.18
CA GLU A 19 25.92 13.00 13.12
C GLU A 19 25.66 11.50 12.87
N PHE A 20 24.57 10.97 13.38
CA PHE A 20 24.24 9.54 13.31
C PHE A 20 24.28 9.00 11.85
N ASN A 21 23.62 9.73 10.94
CA ASN A 21 23.43 9.24 9.59
C ASN A 21 24.76 9.11 8.93
N LYS A 22 25.61 10.09 9.17
CA LYS A 22 26.92 10.04 8.62
C LYS A 22 27.75 8.89 9.27
N TYR A 23 27.63 8.75 10.59
CA TYR A 23 28.42 7.71 11.26
C TYR A 23 27.93 6.32 10.83
N LEU A 24 26.65 6.15 10.61
CA LEU A 24 26.21 4.81 10.11
C LEU A 24 26.79 4.46 8.73
N ALA A 25 26.87 5.46 7.83
CA ALA A 25 27.47 5.26 6.51
C ALA A 25 28.91 4.85 6.70
N TYR A 26 29.60 5.47 7.66
CA TYR A 26 30.98 5.16 7.97
C TYR A 26 31.09 3.66 8.45
N MET A 27 30.23 3.21 9.37
CA MET A 27 30.25 1.82 9.89
C MET A 27 30.09 0.83 8.77
N GLU A 28 29.17 1.11 7.82
CA GLU A 28 28.99 0.28 6.69
C GLU A 28 30.16 0.24 5.73
N SER A 29 30.85 1.40 5.56
CA SER A 29 32.08 1.45 4.76
C SER A 29 33.19 0.55 5.36
N LYS A 30 33.11 0.19 6.64
CA LYS A 30 34.07 -0.72 7.30
C LYS A 30 33.58 -2.20 7.46
N GLY A 31 32.42 -2.50 6.89
CA GLY A 31 31.88 -3.84 6.83
C GLY A 31 31.11 -4.22 8.07
N ALA A 32 30.59 -3.24 8.80
CA ALA A 32 29.89 -3.58 10.05
C ALA A 32 28.65 -4.43 9.81
N HIS A 33 27.91 -4.08 8.80
CA HIS A 33 26.65 -4.78 8.49
C HIS A 33 26.77 -6.27 8.17
N ARG A 34 27.96 -6.73 7.78
CA ARG A 34 28.18 -8.14 7.51
C ARG A 34 27.91 -9.03 8.71
N ALA A 35 28.01 -8.51 9.91
CA ALA A 35 27.82 -9.35 11.04
C ALA A 35 26.34 -9.36 11.48
N GLY A 36 25.53 -8.53 10.86
CA GLY A 36 24.13 -8.34 11.26
C GLY A 36 23.92 -7.46 12.47
N LEU A 37 24.97 -7.13 13.20
CA LEU A 37 24.88 -6.35 14.50
C LEU A 37 26.19 -5.63 14.77
N ALA A 38 26.15 -4.43 15.39
CA ALA A 38 27.38 -3.72 15.73
C ALA A 38 27.15 -2.97 16.99
N LYS A 39 28.22 -2.66 17.71
CA LYS A 39 28.16 -1.86 18.96
C LYS A 39 28.79 -0.47 18.74
N VAL A 40 28.18 0.56 19.32
CA VAL A 40 28.78 1.89 19.26
C VAL A 40 28.78 2.42 20.67
N ILE A 41 29.95 2.74 21.16
CA ILE A 41 30.16 3.21 22.46
C ILE A 41 30.36 4.72 22.28
N PRO A 42 29.48 5.54 22.88
CA PRO A 42 29.65 6.97 22.69
C PRO A 42 30.81 7.45 23.49
N PRO A 43 31.34 8.63 23.15
CA PRO A 43 32.33 9.20 24.05
C PRO A 43 31.71 9.45 25.45
N LYS A 44 32.56 9.29 26.43
CA LYS A 44 32.17 9.41 27.83
C LYS A 44 31.57 10.72 28.24
N GLU A 45 31.78 11.81 27.53
CA GLU A 45 31.10 13.04 27.93
C GLU A 45 29.63 13.09 27.56
N TRP A 46 29.19 12.28 26.59
CA TRP A 46 27.82 12.38 26.08
C TRP A 46 26.83 11.69 27.01
N LYS A 47 25.82 12.41 27.46
CA LYS A 47 24.78 11.84 28.29
C LYS A 47 23.46 12.28 27.77
N PRO A 48 22.65 11.34 27.25
CA PRO A 48 21.31 11.69 26.80
C PRO A 48 20.32 12.08 27.90
N ARG A 49 20.62 11.77 29.15
CA ARG A 49 19.74 12.18 30.26
C ARG A 49 20.57 12.48 31.47
N GLN A 50 20.34 13.62 32.11
CA GLN A 50 21.19 14.00 33.25
C GLN A 50 20.96 13.14 34.48
N CYS A 51 19.71 12.84 34.77
CA CYS A 51 19.35 12.09 35.97
C CYS A 51 18.22 11.13 35.66
N TYR A 52 18.41 9.85 35.98
CA TYR A 52 17.36 8.82 35.78
C TYR A 52 16.42 8.61 36.93
N ASP A 53 16.60 9.36 38.03
CA ASP A 53 15.79 9.07 39.25
C ASP A 53 14.32 9.12 39.00
N ASP A 54 13.87 10.08 38.19
CA ASP A 54 12.43 10.24 37.89
C ASP A 54 11.80 9.04 37.17
N ILE A 55 12.64 8.20 36.53
CA ILE A 55 12.06 7.11 35.76
C ILE A 55 11.42 6.09 36.68
N ASP A 56 11.86 6.01 37.93
CA ASP A 56 11.14 5.19 38.93
C ASP A 56 9.65 5.36 38.91
N ASN A 57 9.15 6.55 38.56
CA ASN A 57 7.70 6.81 38.59
C ASN A 57 6.97 6.38 37.36
N LEU A 58 7.69 6.01 36.32
CA LEU A 58 7.00 5.59 35.09
C LEU A 58 6.15 4.33 35.29
N LEU A 59 4.94 4.30 34.71
CA LEU A 59 4.05 3.13 34.80
C LEU A 59 4.45 2.14 33.72
N ILE A 60 4.48 0.85 34.08
CA ILE A 60 4.61 -0.22 33.11
C ILE A 60 3.19 -0.79 33.05
N PRO A 61 2.44 -0.47 31.99
CA PRO A 61 1.03 -0.88 31.97
C PRO A 61 0.74 -2.36 31.82
N ALA A 62 1.61 -3.11 31.16
CA ALA A 62 1.32 -4.45 30.75
C ALA A 62 2.57 -5.35 30.85
N PRO A 63 3.08 -5.63 32.07
CA PRO A 63 4.24 -6.54 32.20
C PRO A 63 3.89 -7.88 31.67
N ILE A 64 4.86 -8.53 31.05
CA ILE A 64 4.66 -9.87 30.51
C ILE A 64 5.52 -10.86 31.29
N GLN A 65 4.90 -11.93 31.79
CA GLN A 65 5.61 -13.06 32.32
C GLN A 65 5.89 -14.03 31.20
N GLN A 66 7.16 -14.42 30.96
CA GLN A 66 7.54 -15.28 29.85
C GLN A 66 7.54 -16.74 30.26
N MET A 67 6.71 -17.53 29.63
CA MET A 67 6.61 -18.94 29.96
C MET A 67 7.34 -19.75 28.89
N VAL A 68 8.49 -20.35 29.22
CA VAL A 68 9.38 -21.00 28.24
C VAL A 68 9.24 -22.49 28.38
N THR A 69 9.00 -23.20 27.32
CA THR A 69 8.97 -24.64 27.35
C THR A 69 9.97 -25.23 26.39
N GLY A 70 10.54 -26.37 26.76
CA GLY A 70 11.46 -27.12 25.93
C GLY A 70 12.60 -27.74 26.71
N GLN A 71 13.63 -28.10 25.94
CA GLN A 71 14.91 -28.48 26.56
C GLN A 71 15.97 -28.68 25.49
N SER A 72 17.21 -28.86 25.98
CA SER A 72 18.38 -29.17 25.13
C SER A 72 18.64 -28.07 24.08
N GLY A 73 18.46 -26.81 24.46
CA GLY A 73 18.69 -25.67 23.55
C GLY A 73 17.61 -25.33 22.57
N LEU A 74 16.47 -26.03 22.64
CA LEU A 74 15.38 -25.71 21.79
C LEU A 74 14.13 -25.45 22.64
N PHE A 75 13.59 -24.22 22.50
CA PHE A 75 12.40 -23.80 23.28
C PHE A 75 11.37 -22.96 22.54
N THR A 76 10.14 -22.99 23.04
CA THR A 76 9.08 -22.07 22.65
C THR A 76 8.52 -21.37 23.91
N GLN A 77 8.03 -20.18 23.72
CA GLN A 77 7.71 -19.28 24.77
C GLN A 77 6.26 -18.78 24.55
N TYR A 78 5.54 -18.49 25.62
CA TYR A 78 4.27 -17.78 25.48
C TYR A 78 4.19 -16.76 26.59
N ASN A 79 3.31 -15.79 26.46
CA ASN A 79 3.27 -14.72 27.44
C ASN A 79 1.99 -14.70 28.26
N ILE A 80 2.12 -14.36 29.54
CA ILE A 80 0.99 -14.09 30.42
C ILE A 80 1.10 -12.65 30.83
N GLN A 81 0.00 -11.93 30.67
CA GLN A 81 -0.05 -10.50 30.95
C GLN A 81 -0.35 -10.33 32.44
N LYS A 82 0.37 -9.44 33.11
CA LYS A 82 0.29 -9.24 34.54
C LYS A 82 -0.21 -7.82 34.78
N LYS A 83 -0.70 -7.56 36.00
CA LYS A 83 -1.16 -6.25 36.48
C LYS A 83 -0.09 -5.17 36.32
N ALA A 84 -0.49 -3.96 36.02
CA ALA A 84 0.44 -2.83 35.89
C ALA A 84 1.23 -2.57 37.15
N MET A 85 2.44 -2.06 36.97
CA MET A 85 3.26 -1.69 38.08
C MET A 85 4.13 -0.50 37.71
N THR A 86 4.68 0.18 38.67
CA THR A 86 5.68 1.20 38.38
C THR A 86 7.08 0.61 38.12
N VAL A 87 7.99 1.37 37.54
CA VAL A 87 9.36 0.93 37.35
C VAL A 87 9.95 0.64 38.71
N LYS A 88 9.61 1.44 39.72
CA LYS A 88 10.12 1.22 41.05
C LYS A 88 9.72 -0.15 41.62
N GLU A 89 8.43 -0.49 41.49
CA GLU A 89 7.96 -1.76 41.90
C GLU A 89 8.63 -2.90 41.10
N PHE A 90 8.80 -2.68 39.81
CA PHE A 90 9.44 -3.66 38.93
C PHE A 90 10.87 -3.90 39.37
N ARG A 91 11.63 -2.83 39.61
CA ARG A 91 13.00 -2.97 40.07
C ARG A 91 13.07 -3.72 41.41
N GLN A 92 12.20 -3.36 42.39
CA GLN A 92 12.18 -4.09 43.67
C GLN A 92 11.90 -5.60 43.43
N LEU A 93 11.01 -5.93 42.48
CA LEU A 93 10.72 -7.33 42.20
C LEU A 93 11.95 -7.99 41.57
N ALA A 94 12.52 -7.34 40.55
CA ALA A 94 13.71 -7.87 39.84
C ALA A 94 14.84 -8.18 40.79
N ASN A 95 14.95 -7.35 41.83
CA ASN A 95 16.06 -7.45 42.77
C ASN A 95 15.80 -8.40 43.89
N SER A 96 14.59 -8.93 43.98
CA SER A 96 14.31 -9.97 44.95
C SER A 96 14.98 -11.32 44.66
N GLY A 97 15.00 -12.13 45.70
CA GLY A 97 15.61 -13.40 45.68
C GLY A 97 15.05 -14.32 44.64
N LYS A 98 13.75 -14.26 44.43
CA LYS A 98 13.12 -15.14 43.45
C LYS A 98 13.56 -14.83 42.01
N TYR A 99 13.85 -13.54 41.73
CA TYR A 99 14.03 -12.98 40.37
C TYR A 99 15.44 -12.44 40.11
N CYS A 100 16.28 -12.28 41.14
CA CYS A 100 17.56 -11.61 40.93
C CYS A 100 18.53 -12.42 40.09
N THR A 101 19.54 -11.74 39.52
CA THR A 101 20.64 -12.41 38.80
C THR A 101 21.31 -13.45 39.75
N PRO A 102 21.62 -14.69 39.27
CA PRO A 102 22.36 -15.59 40.12
C PRO A 102 23.79 -15.16 40.36
N ARG A 103 24.45 -15.80 41.30
CA ARG A 103 25.91 -15.61 41.43
C ARG A 103 26.58 -16.09 40.17
N TYR A 104 27.65 -15.45 39.71
CA TYR A 104 28.34 -15.94 38.49
C TYR A 104 29.77 -15.55 38.52
N LEU A 105 30.60 -16.21 37.71
CA LEU A 105 32.02 -15.85 37.66
C LEU A 105 32.26 -14.71 36.66
N ASP A 106 31.89 -14.93 35.41
CA ASP A 106 32.08 -14.01 34.29
C ASP A 106 30.90 -14.15 33.31
N TYR A 107 30.91 -13.34 32.22
CA TYR A 107 29.78 -13.31 31.29
C TYR A 107 29.50 -14.66 30.63
N GLU A 108 30.56 -15.44 30.39
CA GLU A 108 30.42 -16.75 29.82
C GLU A 108 29.73 -17.69 30.83
N ASP A 109 30.08 -17.55 32.09
CA ASP A 109 29.47 -18.36 33.18
C ASP A 109 27.96 -17.99 33.27
N LEU A 110 27.65 -16.71 33.15
CA LEU A 110 26.21 -16.30 33.26
C LEU A 110 25.36 -16.82 32.08
N GLU A 111 25.95 -16.76 30.91
CA GLU A 111 25.40 -17.34 29.69
C GLU A 111 25.03 -18.82 29.88
N ARG A 112 25.95 -19.65 30.37
CA ARG A 112 25.65 -21.05 30.69
C ARG A 112 24.47 -21.17 31.65
N LYS A 113 24.41 -20.30 32.64
CA LYS A 113 23.30 -20.33 33.60
C LYS A 113 21.95 -19.95 32.99
N TYR A 114 21.95 -19.00 32.05
CA TYR A 114 20.73 -18.65 31.35
C TYR A 114 20.20 -19.84 30.62
N TRP A 115 21.03 -20.55 29.87
CA TRP A 115 20.54 -21.70 29.07
C TRP A 115 20.09 -22.89 29.92
N LYS A 116 20.71 -23.06 31.07
CA LYS A 116 20.39 -24.14 32.05
C LYS A 116 19.19 -23.87 32.95
N ASN A 117 18.74 -22.63 33.08
CA ASN A 117 17.67 -22.27 34.05
C ASN A 117 16.41 -21.68 33.44
N LEU A 118 16.39 -21.65 32.12
CA LEU A 118 15.28 -21.09 31.38
C LEU A 118 13.87 -21.60 31.73
N THR A 119 13.75 -22.85 32.15
CA THR A 119 12.43 -23.43 32.45
C THR A 119 12.09 -23.59 33.90
N PHE A 120 12.84 -22.86 34.78
CA PHE A 120 12.47 -22.75 36.14
C PHE A 120 11.63 -21.47 36.34
N VAL A 121 12.00 -20.55 37.23
CA VAL A 121 11.14 -19.38 37.50
C VAL A 121 10.94 -18.54 36.23
N ALA A 122 9.71 -18.09 35.97
CA ALA A 122 9.36 -17.32 34.75
C ALA A 122 9.59 -15.84 34.98
N PRO A 123 10.48 -15.27 34.22
CA PRO A 123 10.78 -13.86 34.41
C PRO A 123 9.70 -12.93 33.82
N ILE A 124 9.68 -11.66 34.23
CA ILE A 124 8.71 -10.71 33.86
C ILE A 124 9.42 -9.53 33.20
N TYR A 125 8.88 -9.07 32.08
N TYR A 125 8.85 -8.99 32.15
CA TYR A 125 9.48 -8.06 31.16
CA TYR A 125 9.49 -7.88 31.51
C TYR A 125 8.48 -6.89 31.04
C TYR A 125 8.49 -6.87 31.05
N GLY A 126 8.92 -5.62 31.03
CA GLY A 126 8.09 -4.54 30.53
C GLY A 126 8.58 -4.17 29.14
N ALA A 127 7.75 -4.35 28.09
CA ALA A 127 8.17 -4.08 26.69
C ALA A 127 7.21 -3.24 25.97
N ASP A 128 7.69 -2.63 24.87
CA ASP A 128 6.84 -1.93 23.94
C ASP A 128 6.06 -0.81 24.60
N ILE A 129 6.68 -0.15 25.58
CA ILE A 129 6.11 1.05 26.15
C ILE A 129 6.48 2.18 25.19
N ASN A 130 5.49 2.96 24.74
CA ASN A 130 5.78 4.10 23.84
C ASN A 130 6.49 5.20 24.60
N GLY A 131 7.53 5.78 24.04
CA GLY A 131 8.19 6.92 24.70
C GLY A 131 9.68 6.78 24.70
N SER A 132 10.34 7.91 24.84
CA SER A 132 11.77 8.05 24.93
C SER A 132 12.02 8.66 26.29
N ILE A 133 13.17 8.41 26.86
CA ILE A 133 13.51 9.09 28.12
C ILE A 133 14.77 9.96 27.96
N TYR A 134 15.17 10.27 26.73
CA TYR A 134 16.19 11.36 26.52
C TYR A 134 15.68 12.72 27.05
N ASP A 135 16.54 13.53 27.66
CA ASP A 135 16.20 14.94 27.93
C ASP A 135 15.83 15.69 26.64
N GLU A 136 15.10 16.78 26.80
CA GLU A 136 14.79 17.70 25.68
C GLU A 136 16.07 18.33 25.19
N GLY A 137 16.16 18.58 23.89
CA GLY A 137 17.32 19.29 23.35
C GLY A 137 18.53 18.45 23.06
N VAL A 138 18.53 17.15 23.42
CA VAL A 138 19.66 16.26 23.05
C VAL A 138 19.50 15.96 21.58
N ASP A 139 20.42 16.44 20.78
CA ASP A 139 20.18 16.28 19.32
C ASP A 139 20.99 15.17 18.68
N GLU A 140 21.91 14.55 19.44
CA GLU A 140 22.76 13.50 18.88
C GLU A 140 22.09 12.16 19.13
N TRP A 141 22.02 11.34 18.09
CA TRP A 141 21.56 9.97 18.19
C TRP A 141 20.24 9.86 18.99
N ASN A 142 19.33 10.79 18.70
CA ASN A 142 18.07 10.90 19.35
C ASN A 142 17.10 9.93 18.71
N ILE A 143 16.84 8.88 19.46
CA ILE A 143 16.09 7.73 18.94
C ILE A 143 14.64 8.09 18.50
N ALA A 144 14.09 9.15 19.14
CA ALA A 144 12.76 9.66 18.81
C ALA A 144 12.72 10.28 17.44
N ARG A 145 13.86 10.75 16.92
CA ARG A 145 13.85 11.42 15.61
C ARG A 145 15.19 11.36 14.94
N LEU A 146 15.48 10.21 14.34
CA LEU A 146 16.76 9.98 13.68
C LEU A 146 16.89 10.50 12.24
N ASN A 147 15.73 10.70 11.65
CA ASN A 147 15.58 11.26 10.32
C ASN A 147 16.20 10.45 9.22
N THR A 148 15.75 9.21 9.12
CA THR A 148 16.18 8.40 8.02
C THR A 148 15.13 8.41 6.91
N VAL A 149 15.36 7.62 5.89
CA VAL A 149 14.42 7.56 4.80
C VAL A 149 13.04 7.14 5.18
N LEU A 150 12.85 6.41 6.26
CA LEU A 150 11.46 6.22 6.75
C LEU A 150 10.76 7.49 7.10
N ASP A 151 11.46 8.40 7.75
CA ASP A 151 10.80 9.65 8.13
C ASP A 151 10.55 10.51 6.87
N VAL A 152 11.49 10.45 5.92
CA VAL A 152 11.34 11.22 4.67
C VAL A 152 9.99 10.89 3.93
N VAL A 153 9.72 9.60 3.67
CA VAL A 153 8.49 9.23 2.96
C VAL A 153 7.20 9.42 3.85
N GLU A 154 7.32 9.14 5.13
CA GLU A 154 6.20 9.42 6.08
C GLU A 154 5.82 10.89 5.98
N GLU A 155 6.81 11.74 6.07
CA GLU A 155 6.62 13.18 6.24
C GLU A 155 6.41 13.93 4.93
N GLU A 156 7.19 13.60 3.91
CA GLU A 156 6.98 14.27 2.62
C GLU A 156 5.93 13.55 1.71
N CYS A 157 5.74 12.23 1.83
CA CYS A 157 4.80 11.47 0.93
C CYS A 157 3.51 10.92 1.60
N GLY A 158 3.39 11.07 2.91
CA GLY A 158 2.16 10.75 3.64
C GLY A 158 2.04 9.24 3.75
N ILE A 159 3.15 8.52 3.75
CA ILE A 159 3.05 7.05 3.74
C ILE A 159 3.08 6.60 5.19
N SER A 160 2.29 5.59 5.57
CA SER A 160 2.28 5.19 6.99
C SER A 160 3.42 4.24 7.38
N ILE A 161 4.18 4.55 8.44
CA ILE A 161 5.32 3.74 8.89
C ILE A 161 4.86 2.77 10.01
N GLU A 162 3.55 2.73 10.26
CA GLU A 162 2.93 1.79 11.21
C GLU A 162 3.56 1.83 12.64
N GLY A 163 4.09 2.99 13.04
CA GLY A 163 4.68 3.23 14.32
C GLY A 163 6.02 2.55 14.60
N VAL A 164 6.66 1.93 13.62
CA VAL A 164 7.95 1.31 13.91
C VAL A 164 9.11 2.32 14.10
N ASN A 165 8.93 3.58 13.61
CA ASN A 165 9.95 4.63 13.73
C ASN A 165 9.68 5.56 14.91
N THR A 166 8.95 5.08 15.90
CA THR A 166 8.77 5.78 17.16
C THR A 166 9.47 5.01 18.30
N PRO A 167 9.78 5.70 19.42
CA PRO A 167 10.60 5.11 20.49
C PRO A 167 9.82 4.18 21.40
N TYR A 168 10.46 3.11 21.81
CA TYR A 168 9.93 2.16 22.77
C TYR A 168 10.94 1.94 23.89
N LEU A 169 10.40 1.81 25.10
CA LEU A 169 11.12 1.51 26.30
C LEU A 169 10.90 0.04 26.67
N TYR A 170 11.99 -0.58 27.14
CA TYR A 170 12.03 -1.97 27.60
CA TYR A 170 11.99 -1.96 27.62
C TYR A 170 12.64 -2.01 29.01
N PHE A 171 11.96 -2.62 29.98
CA PHE A 171 12.56 -2.77 31.30
C PHE A 171 12.77 -4.27 31.50
N GLY A 172 14.02 -4.69 31.66
CA GLY A 172 14.38 -6.15 31.75
C GLY A 172 14.59 -6.57 33.21
N MET A 173 14.66 -7.84 33.48
CA MET A 173 15.16 -8.38 34.74
C MET A 173 15.98 -9.62 34.30
N TRP A 174 16.69 -10.26 35.25
CA TRP A 174 17.43 -11.45 34.92
C TRP A 174 16.56 -12.45 34.16
N LYS A 175 17.09 -12.96 33.07
CA LYS A 175 16.60 -14.10 32.36
C LYS A 175 15.50 -13.79 31.33
N THR A 176 15.15 -12.51 31.19
CA THR A 176 14.12 -12.15 30.21
C THR A 176 14.74 -12.36 28.85
N THR A 177 13.97 -12.86 27.92
CA THR A 177 14.48 -13.37 26.64
C THR A 177 14.01 -12.49 25.51
N PHE A 178 14.89 -12.22 24.56
CA PHE A 178 14.40 -11.79 23.27
C PHE A 178 14.72 -12.92 22.24
N ALA A 179 13.68 -13.46 21.69
CA ALA A 179 13.84 -14.71 20.89
C ALA A 179 14.31 -14.41 19.46
N TRP A 180 14.74 -15.44 18.69
CA TRP A 180 15.27 -15.20 17.35
C TRP A 180 14.32 -14.45 16.43
N HIS A 181 14.82 -13.34 15.84
CA HIS A 181 14.03 -12.57 14.86
C HIS A 181 14.91 -11.62 14.01
N THR A 182 14.29 -11.17 12.97
CA THR A 182 14.74 -9.99 12.26
C THR A 182 13.67 -8.94 12.52
N GLU A 183 13.91 -7.68 12.16
CA GLU A 183 12.97 -6.64 12.53
C GLU A 183 11.81 -6.69 11.58
N ASP A 184 10.73 -5.96 11.92
CA ASP A 184 9.63 -5.77 10.99
C ASP A 184 10.10 -5.23 9.66
N MET A 185 9.58 -5.77 8.56
CA MET A 185 10.01 -5.40 7.21
C MET A 185 11.53 -5.52 6.95
N ASP A 186 12.20 -6.38 7.74
CA ASP A 186 13.63 -6.57 7.79
C ASP A 186 14.39 -5.23 7.87
N LEU A 187 13.84 -4.29 8.64
CA LEU A 187 14.47 -3.01 8.88
C LEU A 187 15.70 -3.10 9.76
N TYR A 188 16.35 -1.93 9.88
CA TYR A 188 17.41 -1.76 10.84
C TYR A 188 16.74 -1.55 12.20
N SER A 189 17.50 -1.82 13.28
CA SER A 189 17.11 -1.26 14.60
C SER A 189 18.29 -0.61 15.34
N ILE A 190 17.95 0.19 16.35
CA ILE A 190 18.90 0.74 17.26
C ILE A 190 18.39 0.63 18.68
N ASN A 191 19.30 0.29 19.61
CA ASN A 191 18.93 -0.02 20.95
C ASN A 191 19.95 0.68 21.87
N TYR A 192 19.50 1.61 22.71
CA TYR A 192 20.42 2.24 23.65
C TYR A 192 20.09 1.66 25.01
N LEU A 193 21.11 1.23 25.75
CA LEU A 193 20.91 0.79 27.15
C LEU A 193 21.14 1.95 28.11
N HIS A 194 20.07 2.50 28.61
CA HIS A 194 20.13 3.66 29.49
C HIS A 194 20.83 3.45 30.82
N PHE A 195 20.36 2.45 31.59
CA PHE A 195 20.99 2.14 32.84
C PHE A 195 20.67 0.69 33.20
N GLY A 196 21.44 0.21 34.17
CA GLY A 196 21.19 -1.07 34.79
C GLY A 196 22.15 -2.12 34.27
N GLU A 197 21.71 -3.39 34.36
CA GLU A 197 22.55 -4.52 34.03
C GLU A 197 22.67 -4.76 32.54
N PRO A 198 23.67 -5.49 32.14
CA PRO A 198 23.87 -5.70 30.69
C PRO A 198 22.82 -6.56 29.99
N LYS A 199 22.82 -6.50 28.65
N LYS A 199 22.92 -6.56 28.66
CA LYS A 199 22.06 -7.37 27.78
CA LYS A 199 22.08 -7.28 27.73
C LYS A 199 23.08 -8.06 26.88
C LYS A 199 23.07 -8.05 26.83
N SER A 200 22.97 -9.36 26.85
CA SER A 200 23.73 -10.20 25.91
C SER A 200 22.97 -10.42 24.62
N TRP A 201 23.70 -10.42 23.52
CA TRP A 201 23.09 -10.50 22.20
C TRP A 201 23.76 -11.62 21.45
N TYR A 202 22.99 -12.35 20.66
CA TYR A 202 23.50 -13.19 19.58
C TYR A 202 23.12 -12.60 18.18
N ALA A 203 23.99 -12.77 17.21
CA ALA A 203 23.72 -12.36 15.86
C ALA A 203 24.24 -13.33 14.85
N ILE A 204 23.49 -13.45 13.78
CA ILE A 204 23.84 -14.28 12.61
C ILE A 204 23.97 -13.35 11.37
N PRO A 205 25.03 -13.52 10.60
CA PRO A 205 25.23 -12.67 9.40
C PRO A 205 24.00 -12.73 8.50
N PRO A 206 23.57 -11.60 7.94
CA PRO A 206 22.46 -11.70 6.96
C PRO A 206 22.69 -12.72 5.83
N GLU A 207 23.93 -12.95 5.42
CA GLU A 207 24.18 -13.93 4.41
C GLU A 207 23.86 -15.36 4.83
N HIS A 208 23.60 -15.60 6.13
CA HIS A 208 23.22 -16.94 6.62
C HIS A 208 21.85 -17.04 7.21
N GLY A 209 21.05 -15.98 7.01
CA GLY A 209 19.69 -15.92 7.54
C GLY A 209 18.77 -17.00 7.04
N LYS A 210 18.88 -17.32 5.74
CA LYS A 210 18.06 -18.40 5.15
C LYS A 210 18.46 -19.79 5.73
N ARG A 211 19.72 -19.96 6.12
CA ARG A 211 20.21 -21.17 6.80
C ARG A 211 19.59 -21.33 8.19
N LEU A 212 19.49 -20.21 8.92
CA LEU A 212 18.85 -20.21 10.20
C LEU A 212 17.35 -20.56 10.03
N GLU A 213 16.68 -20.02 9.01
CA GLU A 213 15.26 -20.31 8.87
C GLU A 213 15.05 -21.80 8.58
N ARG A 214 15.88 -22.34 7.71
CA ARG A 214 15.82 -23.77 7.36
C ARG A 214 15.96 -24.65 8.58
N LEU A 215 16.96 -24.35 9.42
CA LEU A 215 17.10 -25.08 10.70
C LEU A 215 15.91 -24.90 11.64
N ALA A 216 15.43 -23.68 11.79
CA ALA A 216 14.29 -23.47 12.65
C ALA A 216 13.05 -24.26 12.13
N GLN A 217 12.93 -24.39 10.80
CA GLN A 217 11.81 -25.07 10.22
C GLN A 217 11.91 -26.57 10.54
N GLY A 218 13.11 -27.12 10.55
CA GLY A 218 13.31 -28.50 10.87
C GLY A 218 13.06 -28.79 12.34
N PHE A 219 13.43 -27.89 13.22
CA PHE A 219 13.26 -28.15 14.67
C PHE A 219 11.91 -27.73 15.21
N PHE A 220 11.21 -26.88 14.48
CA PHE A 220 9.88 -26.45 14.93
C PHE A 220 8.87 -26.63 13.81
N PRO A 221 8.70 -27.84 13.25
CA PRO A 221 7.77 -28.01 12.09
C PRO A 221 6.34 -27.51 12.31
N SER A 222 5.75 -27.79 13.47
CA SER A 222 4.35 -27.35 13.68
C SER A 222 4.28 -25.86 13.57
N SER A 223 5.20 -25.14 14.22
CA SER A 223 5.19 -23.66 14.13
C SER A 223 5.32 -23.27 12.64
N SER A 224 6.28 -23.89 11.98
CA SER A 224 6.51 -23.56 10.56
C SER A 224 5.26 -23.77 9.71
N GLN A 225 4.55 -24.87 9.96
CA GLN A 225 3.38 -25.17 9.13
C GLN A 225 2.32 -24.14 9.30
N GLY A 226 2.12 -23.69 10.53
CA GLY A 226 1.19 -22.59 10.82
C GLY A 226 1.47 -21.20 10.22
N CYS A 227 2.74 -20.83 9.97
CA CYS A 227 3.05 -19.47 9.46
C CYS A 227 4.37 -19.48 8.72
N ASP A 228 4.31 -19.01 7.49
CA ASP A 228 5.46 -18.79 6.59
C ASP A 228 6.60 -17.97 7.18
N ALA A 229 6.30 -17.08 8.12
CA ALA A 229 7.31 -16.26 8.74
C ALA A 229 7.21 -16.39 10.27
N PHE A 230 7.05 -17.62 10.78
CA PHE A 230 6.78 -17.82 12.25
C PHE A 230 7.80 -17.25 13.24
N LEU A 231 9.06 -17.10 12.83
CA LEU A 231 10.04 -16.50 13.71
C LEU A 231 9.66 -15.06 14.04
N ARG A 232 8.87 -14.42 13.15
CA ARG A 232 8.37 -13.09 13.44
C ARG A 232 7.48 -13.01 14.65
N HIS A 233 6.96 -14.14 15.14
CA HIS A 233 6.19 -14.12 16.38
C HIS A 233 7.09 -13.93 17.64
N LYS A 234 8.41 -14.02 17.45
CA LYS A 234 9.43 -13.88 18.48
C LYS A 234 9.17 -14.83 19.64
N MET A 235 8.93 -16.11 19.33
CA MET A 235 8.63 -17.06 20.40
C MET A 235 9.55 -18.27 20.32
N THR A 236 10.57 -18.19 19.48
CA THR A 236 11.44 -19.33 19.19
C THR A 236 12.86 -19.11 19.73
N LEU A 237 13.30 -19.98 20.64
CA LEU A 237 14.59 -19.85 21.31
C LEU A 237 15.40 -21.06 20.82
N ILE A 238 16.66 -20.81 20.44
CA ILE A 238 17.63 -21.79 19.89
C ILE A 238 19.01 -21.39 20.45
N SER A 239 19.62 -22.31 21.16
CA SER A 239 20.84 -22.04 21.92
C SER A 239 22.07 -21.91 20.97
N PRO A 240 23.10 -21.20 21.40
CA PRO A 240 24.37 -21.23 20.64
C PRO A 240 24.95 -22.63 20.45
N SER A 241 24.71 -23.55 21.39
CA SER A 241 25.16 -24.94 21.25
C SER A 241 24.52 -25.62 20.06
N VAL A 242 23.22 -25.43 19.87
CA VAL A 242 22.55 -25.97 18.74
C VAL A 242 23.07 -25.30 17.43
N LEU A 243 23.19 -23.96 17.42
CA LEU A 243 23.68 -23.33 16.16
C LEU A 243 25.01 -23.93 15.73
N LYS A 244 25.90 -24.15 16.70
CA LYS A 244 27.29 -24.56 16.42
C LYS A 244 27.30 -25.96 15.78
N LYS A 245 26.51 -26.84 16.40
CA LYS A 245 26.35 -28.22 15.99
C LYS A 245 25.80 -28.35 14.57
N TYR A 246 24.85 -27.47 14.18
CA TYR A 246 24.27 -27.47 12.84
C TYR A 246 24.88 -26.46 11.88
N GLY A 247 26.04 -25.92 12.23
CA GLY A 247 26.84 -25.16 11.29
C GLY A 247 26.26 -23.81 10.91
N ILE A 248 25.57 -23.17 11.88
CA ILE A 248 25.08 -21.81 11.60
C ILE A 248 26.07 -20.86 12.22
N PRO A 249 26.69 -20.00 11.42
CA PRO A 249 27.67 -19.12 12.06
C PRO A 249 26.97 -18.01 12.84
N PHE A 250 27.57 -17.58 13.94
CA PHE A 250 27.00 -16.52 14.73
C PHE A 250 28.11 -15.92 15.55
N ASP A 251 27.80 -14.83 16.24
CA ASP A 251 28.69 -14.19 17.18
C ASP A 251 27.89 -13.72 18.36
N LYS A 252 28.57 -13.44 19.45
CA LYS A 252 27.91 -12.91 20.66
C LYS A 252 28.65 -11.76 21.18
N ILE A 253 27.94 -10.84 21.82
CA ILE A 253 28.57 -9.68 22.43
C ILE A 253 27.67 -9.27 23.57
N THR A 254 28.22 -8.55 24.57
CA THR A 254 27.45 -8.07 25.68
C THR A 254 27.41 -6.57 25.63
N GLN A 255 26.23 -6.03 25.64
CA GLN A 255 25.99 -4.57 25.66
C GLN A 255 25.88 -4.06 27.10
N GLU A 256 26.68 -3.06 27.48
CA GLU A 256 26.69 -2.49 28.84
C GLU A 256 26.01 -1.17 28.86
N ALA A 257 25.62 -0.70 30.06
CA ALA A 257 24.98 0.60 30.15
C ALA A 257 25.79 1.70 29.42
N GLY A 258 25.06 2.57 28.71
CA GLY A 258 25.61 3.65 27.95
C GLY A 258 26.03 3.28 26.53
N GLU A 259 25.77 2.06 26.04
CA GLU A 259 26.23 1.66 24.70
C GLU A 259 25.05 1.49 23.76
N PHE A 260 25.28 1.70 22.48
CA PHE A 260 24.30 1.38 21.46
C PHE A 260 24.58 0.06 20.75
N MET A 261 23.54 -0.68 20.39
CA MET A 261 23.65 -1.79 19.46
C MET A 261 22.84 -1.34 18.28
N ILE A 262 23.29 -1.69 17.07
CA ILE A 262 22.57 -1.47 15.86
C ILE A 262 22.38 -2.82 15.16
N THR A 263 21.15 -3.17 14.77
CA THR A 263 20.90 -4.40 13.95
C THR A 263 20.71 -3.98 12.55
N PHE A 264 21.21 -4.81 11.64
CA PHE A 264 21.15 -4.49 10.20
C PHE A 264 20.12 -5.31 9.51
N PRO A 265 19.66 -4.88 8.34
CA PRO A 265 18.69 -5.62 7.61
C PRO A 265 18.93 -7.09 7.43
N TYR A 266 17.93 -7.87 7.91
CA TYR A 266 17.93 -9.34 7.81
C TYR A 266 19.02 -10.00 8.69
N GLY A 267 19.49 -9.27 9.68
CA GLY A 267 20.45 -9.78 10.66
C GLY A 267 19.65 -10.41 11.79
N TYR A 268 19.55 -11.73 11.78
CA TYR A 268 18.86 -12.43 12.87
C TYR A 268 19.58 -12.21 14.18
N HIS A 269 18.81 -11.92 15.23
CA HIS A 269 19.40 -11.74 16.50
C HIS A 269 18.43 -12.19 17.64
N ALA A 270 19.04 -12.46 18.78
CA ALA A 270 18.42 -12.94 20.01
C ALA A 270 19.27 -12.57 21.18
N GLY A 271 18.79 -12.82 22.35
CA GLY A 271 19.55 -12.51 23.51
C GLY A 271 18.81 -12.56 24.84
N PHE A 272 19.48 -12.02 25.88
CA PHE A 272 18.90 -12.04 27.24
C PHE A 272 19.42 -10.96 28.16
N ASN A 273 18.59 -10.52 29.09
CA ASN A 273 19.02 -9.55 30.03
C ASN A 273 19.66 -10.20 31.23
N HIS A 274 20.70 -9.53 31.73
CA HIS A 274 21.47 -10.01 32.84
C HIS A 274 20.77 -9.70 34.21
N GLY A 275 19.95 -8.69 34.24
CA GLY A 275 19.36 -8.21 35.49
C GLY A 275 18.48 -7.03 35.19
N PHE A 276 18.06 -6.31 36.22
CA PHE A 276 17.23 -5.08 36.03
C PHE A 276 17.91 -4.08 35.13
N ASN A 277 17.16 -3.63 34.13
CA ASN A 277 17.65 -2.62 33.23
C ASN A 277 16.58 -1.85 32.42
N CYS A 278 17.03 -0.81 31.70
CA CYS A 278 16.15 0.03 30.90
C CYS A 278 16.82 0.36 29.60
N ALA A 279 16.13 0.06 28.52
CA ALA A 279 16.60 0.31 27.18
C ALA A 279 15.53 1.00 26.36
N GLU A 280 16.00 1.70 25.33
CA GLU A 280 15.17 2.45 24.45
C GLU A 280 15.53 1.99 23.00
N SER A 281 14.52 1.83 22.16
CA SER A 281 14.75 1.37 20.79
C SER A 281 13.74 1.91 19.79
N THR A 282 14.08 1.79 18.50
CA THR A 282 13.27 2.14 17.34
C THR A 282 13.84 1.42 16.10
N ASN A 283 13.07 1.41 15.02
CA ASN A 283 13.48 0.94 13.75
C ASN A 283 13.76 2.10 12.82
N PHE A 284 14.65 1.90 11.87
CA PHE A 284 14.96 2.91 10.86
C PHE A 284 15.45 2.19 9.59
N ALA A 285 15.70 2.96 8.54
CA ALA A 285 16.08 2.40 7.27
C ALA A 285 17.05 3.39 6.58
N THR A 286 17.73 2.90 5.55
CA THR A 286 18.63 3.61 4.65
C THR A 286 18.29 3.08 3.30
N VAL A 287 18.91 3.66 2.27
CA VAL A 287 18.59 3.28 0.94
C VAL A 287 18.93 1.80 0.72
N ARG A 288 20.01 1.34 1.36
CA ARG A 288 20.42 -0.09 1.17
C ARG A 288 19.32 -1.07 1.66
N TRP A 289 18.47 -0.68 2.64
CA TRP A 289 17.31 -1.48 3.11
C TRP A 289 16.23 -1.82 2.08
N ILE A 290 16.12 -0.99 1.04
CA ILE A 290 14.97 -1.05 0.19
C ILE A 290 14.89 -2.40 -0.48
N ASP A 291 16.02 -2.90 -0.99
CA ASP A 291 16.00 -4.22 -1.60
C ASP A 291 15.60 -5.31 -0.62
N TYR A 292 15.97 -5.18 0.68
CA TYR A 292 15.46 -6.14 1.69
C TYR A 292 13.98 -6.02 1.95
N GLY A 293 13.47 -4.80 2.07
CA GLY A 293 12.05 -4.61 2.28
C GLY A 293 11.20 -5.22 1.21
N LYS A 294 11.62 -4.98 -0.02
CA LYS A 294 10.91 -5.51 -1.19
C LYS A 294 10.76 -7.02 -1.16
N VAL A 295 11.66 -7.74 -0.48
CA VAL A 295 11.55 -9.19 -0.49
C VAL A 295 11.25 -9.76 0.92
N ALA A 296 10.95 -8.92 1.89
CA ALA A 296 10.73 -9.40 3.23
C ALA A 296 9.56 -10.41 3.27
N LYS A 297 9.81 -11.57 3.87
CA LYS A 297 8.81 -12.64 4.00
C LYS A 297 7.97 -12.29 5.24
N LEU A 298 6.66 -12.11 5.08
CA LEU A 298 5.84 -11.54 6.14
C LEU A 298 4.92 -12.56 6.86
N CYS A 299 4.52 -12.23 8.09
CA CYS A 299 3.63 -13.09 8.87
C CYS A 299 2.28 -13.14 8.17
N THR A 300 1.84 -14.34 7.80
CA THR A 300 0.59 -14.53 7.08
C THR A 300 -0.57 -14.49 8.11
N CYS A 301 -0.34 -15.12 9.27
CA CYS A 301 -1.36 -15.69 10.16
C CYS A 301 -1.96 -14.84 11.27
N ARG A 302 -1.72 -13.53 11.32
CA ARG A 302 -2.51 -12.65 12.23
C ARG A 302 -2.64 -11.28 11.59
N LYS A 303 -3.84 -10.72 11.49
CA LYS A 303 -4.03 -9.48 10.69
C LYS A 303 -3.38 -8.22 11.28
N ASP A 304 -3.07 -8.23 12.56
CA ASP A 304 -2.39 -7.11 13.23
C ASP A 304 -1.00 -6.68 12.64
N MET A 305 -0.23 -7.62 12.07
CA MET A 305 1.21 -7.48 11.85
C MET A 305 1.59 -6.31 10.98
N VAL A 306 2.84 -5.89 11.09
CA VAL A 306 3.38 -4.70 10.41
C VAL A 306 3.76 -4.94 8.96
N LYS A 307 3.08 -4.19 8.10
CA LYS A 307 3.36 -4.22 6.69
C LYS A 307 3.46 -2.79 6.25
N ILE A 308 4.57 -2.48 5.57
CA ILE A 308 4.76 -1.17 4.98
C ILE A 308 4.86 -1.34 3.49
N SER A 309 4.06 -0.58 2.75
CA SER A 309 4.16 -0.50 1.30
C SER A 309 5.48 -0.01 0.80
N MET A 310 6.08 -0.77 -0.11
CA MET A 310 7.44 -0.45 -0.62
C MET A 310 7.42 0.42 -1.84
N ASP A 311 6.24 0.56 -2.45
N ASP A 311 6.24 0.58 -2.42
CA ASP A 311 6.10 1.31 -3.65
CA ASP A 311 6.08 1.27 -3.65
C ASP A 311 6.84 2.65 -3.62
C ASP A 311 6.73 2.67 -3.67
N ILE A 312 6.53 3.50 -2.65
CA ILE A 312 7.17 4.88 -2.57
C ILE A 312 8.70 4.87 -2.52
N PHE A 313 9.28 3.87 -1.89
CA PHE A 313 10.69 3.77 -1.73
C PHE A 313 11.25 3.42 -3.04
N VAL A 314 10.58 2.54 -3.81
CA VAL A 314 11.15 2.12 -5.07
C VAL A 314 11.04 3.30 -6.07
N ARG A 315 9.85 3.86 -6.11
CA ARG A 315 9.53 4.98 -7.04
C ARG A 315 10.55 6.15 -6.82
N LYS A 316 10.82 6.48 -5.57
CA LYS A 316 11.72 7.64 -5.24
C LYS A 316 13.20 7.34 -5.35
N PHE A 317 13.64 6.22 -4.76
CA PHE A 317 15.04 5.92 -4.69
C PHE A 317 15.56 4.82 -5.66
N GLN A 318 14.69 4.10 -6.37
CA GLN A 318 15.16 3.19 -7.42
C GLN A 318 14.38 3.44 -8.67
N PRO A 319 14.31 4.72 -9.10
CA PRO A 319 13.43 5.06 -10.23
C PRO A 319 13.74 4.26 -11.54
N ASP A 320 14.97 3.81 -11.71
CA ASP A 320 15.34 3.04 -12.89
C ASP A 320 14.81 1.61 -12.83
N ARG A 321 14.39 1.15 -11.65
CA ARG A 321 13.86 -0.21 -11.50
C ARG A 321 12.34 -0.25 -11.25
N TYR A 322 11.69 0.92 -11.12
CA TYR A 322 10.33 1.00 -10.68
C TYR A 322 9.37 0.23 -11.57
N GLN A 323 9.47 0.49 -12.85
CA GLN A 323 8.58 -0.10 -13.82
C GLN A 323 8.71 -1.62 -13.76
N LEU A 324 9.95 -2.10 -13.87
CA LEU A 324 10.29 -3.52 -13.80
C LEU A 324 9.70 -4.18 -12.58
N TRP A 325 9.88 -3.53 -11.44
CA TRP A 325 9.35 -4.01 -10.20
C TRP A 325 7.85 -4.02 -10.20
N LYS A 326 7.22 -2.97 -10.72
CA LYS A 326 5.76 -2.91 -10.73
C LYS A 326 5.27 -4.03 -11.65
N GLN A 327 6.10 -4.50 -12.56
CA GLN A 327 5.72 -5.66 -13.34
C GLN A 327 6.02 -7.00 -12.71
N GLY A 328 6.56 -7.03 -11.50
CA GLY A 328 6.85 -8.34 -10.87
C GLY A 328 8.08 -8.97 -11.52
N LYS A 329 8.86 -8.20 -12.25
CA LYS A 329 10.03 -8.71 -12.91
C LYS A 329 11.39 -8.17 -12.35
N ASP A 330 11.39 -7.58 -11.16
CA ASP A 330 12.62 -7.04 -10.55
C ASP A 330 13.03 -8.13 -9.58
N ILE A 331 13.86 -9.04 -10.09
CA ILE A 331 14.16 -10.33 -9.45
C ILE A 331 15.68 -10.30 -9.29
N TYR A 332 16.19 -10.61 -8.11
CA TYR A 332 17.60 -10.40 -7.85
C TYR A 332 17.91 -11.22 -6.65
N THR A 333 19.19 -11.42 -6.38
CA THR A 333 19.63 -11.96 -5.10
C THR A 333 20.44 -10.86 -4.45
N ILE A 334 20.14 -10.56 -3.20
CA ILE A 334 20.87 -9.57 -2.47
C ILE A 334 22.32 -10.00 -2.21
N ASP A 335 23.23 -9.06 -2.41
CA ASP A 335 24.60 -9.17 -1.95
C ASP A 335 24.67 -8.50 -0.59
N HIS A 336 24.78 -9.30 0.45
CA HIS A 336 24.73 -8.80 1.82
C HIS A 336 26.02 -8.12 2.22
N THR A 337 27.09 -8.26 1.42
CA THR A 337 28.33 -7.59 1.76
C THR A 337 28.40 -6.20 1.15
N LYS A 338 27.61 -5.89 0.15
CA LYS A 338 27.92 -4.71 -0.64
C LYS A 338 27.54 -3.44 0.13
N LEU B 1 -28.08 3.95 2.05
CA LEU B 1 -28.62 5.25 1.53
C LEU B 1 -27.49 6.26 1.23
N ASN B 2 -26.27 6.14 1.82
CA ASN B 2 -25.09 6.97 1.41
C ASN B 2 -25.46 8.49 1.26
N PRO B 3 -25.99 9.13 2.32
CA PRO B 3 -26.56 10.47 2.20
C PRO B 3 -25.52 11.52 1.76
N SER B 4 -24.24 11.26 2.08
CA SER B 4 -23.11 12.11 1.68
C SER B 4 -22.77 12.02 0.19
N CYS B 5 -23.30 11.01 -0.51
CA CYS B 5 -23.09 10.78 -1.95
C CYS B 5 -21.65 10.61 -2.27
N LYS B 6 -20.88 10.12 -1.29
CA LYS B 6 -19.46 10.01 -1.50
C LYS B 6 -19.14 8.67 -2.20
N ILE B 7 -18.04 8.64 -2.96
CA ILE B 7 -17.72 7.43 -3.70
C ILE B 7 -17.44 6.23 -2.77
N MET B 8 -18.09 5.11 -2.98
CA MET B 8 -17.88 3.95 -2.09
C MET B 8 -16.87 2.94 -2.66
N THR B 9 -16.18 2.22 -1.79
CA THR B 9 -15.18 1.21 -2.19
C THR B 9 -15.69 -0.15 -1.60
N PHE B 10 -15.85 -1.15 -2.47
CA PHE B 10 -16.31 -2.49 -2.06
C PHE B 10 -15.17 -3.51 -2.08
N ARG B 11 -15.19 -4.37 -1.08
CA ARG B 11 -14.17 -5.38 -0.91
C ARG B 11 -14.86 -6.75 -0.73
N PRO B 12 -15.43 -7.27 -1.81
CA PRO B 12 -16.16 -8.55 -1.71
C PRO B 12 -15.27 -9.76 -1.53
N SER B 13 -15.72 -10.69 -0.69
CA SER B 13 -15.16 -12.05 -0.63
C SER B 13 -15.25 -12.74 -2.00
N MET B 14 -14.57 -13.88 -2.14
CA MET B 14 -14.67 -14.64 -3.41
C MET B 14 -16.14 -15.05 -3.67
N GLU B 15 -16.85 -15.36 -2.60
CA GLU B 15 -18.25 -15.80 -2.60
C GLU B 15 -19.15 -14.68 -3.11
N GLU B 16 -18.97 -13.50 -2.53
CA GLU B 16 -19.74 -12.31 -2.89
C GLU B 16 -19.48 -11.87 -4.31
N PHE B 17 -18.26 -12.11 -4.76
CA PHE B 17 -17.76 -11.66 -6.05
C PHE B 17 -18.20 -12.53 -7.24
N ARG B 18 -18.44 -13.84 -7.07
CA ARG B 18 -18.72 -14.74 -8.21
CA ARG B 18 -18.68 -14.68 -8.25
C ARG B 18 -19.81 -14.13 -9.15
N GLU B 19 -20.90 -13.67 -8.55
CA GLU B 19 -22.07 -13.14 -9.35
C GLU B 19 -22.13 -11.60 -9.46
N PHE B 20 -21.60 -11.07 -10.55
CA PHE B 20 -21.57 -9.64 -10.82
C PHE B 20 -22.95 -9.06 -10.73
N ASN B 21 -23.88 -9.67 -11.50
CA ASN B 21 -25.23 -9.08 -11.64
C ASN B 21 -25.81 -8.96 -10.28
N LYS B 22 -25.57 -9.97 -9.43
CA LYS B 22 -26.04 -9.99 -8.02
C LYS B 22 -25.24 -9.01 -7.09
N TYR B 23 -23.93 -8.93 -7.28
CA TYR B 23 -23.14 -8.00 -6.48
C TYR B 23 -23.51 -6.54 -6.80
N LEU B 24 -23.73 -6.24 -8.06
CA LEU B 24 -24.18 -4.90 -8.40
C LEU B 24 -25.40 -4.48 -7.67
N ALA B 25 -26.44 -5.34 -7.63
CA ALA B 25 -27.65 -5.07 -6.86
C ALA B 25 -27.35 -4.80 -5.42
N TYR B 26 -26.43 -5.59 -4.85
CA TYR B 26 -25.98 -5.37 -3.51
C TYR B 26 -25.39 -3.93 -3.35
N MET B 27 -24.55 -3.55 -4.27
CA MET B 27 -23.88 -2.25 -4.22
C MET B 27 -24.97 -1.11 -4.21
N GLU B 28 -25.98 -1.19 -5.07
CA GLU B 28 -27.08 -0.21 -4.99
C GLU B 28 -27.87 -0.28 -3.73
N SER B 29 -28.01 -1.48 -3.15
CA SER B 29 -28.74 -1.57 -1.91
C SER B 29 -28.04 -0.77 -0.82
N LYS B 30 -26.74 -0.46 -0.98
CA LYS B 30 -26.00 0.34 0.05
C LYS B 30 -25.79 1.81 -0.37
N GLY B 31 -26.45 2.23 -1.43
CA GLY B 31 -26.35 3.61 -1.93
C GLY B 31 -25.19 3.96 -2.84
N ALA B 32 -24.48 2.97 -3.39
CA ALA B 32 -23.30 3.26 -4.23
C ALA B 32 -23.58 4.20 -5.43
N HIS B 33 -24.69 3.97 -6.10
CA HIS B 33 -25.15 4.79 -7.23
C HIS B 33 -25.31 6.29 -6.93
N ARG B 34 -25.57 6.66 -5.68
CA ARG B 34 -25.70 8.05 -5.40
C ARG B 34 -24.47 8.89 -5.71
N ALA B 35 -23.29 8.29 -5.73
CA ALA B 35 -22.10 9.06 -6.02
C ALA B 35 -21.72 9.13 -7.51
N GLY B 36 -22.37 8.31 -8.29
CA GLY B 36 -22.24 8.24 -9.71
C GLY B 36 -21.09 7.39 -10.15
N LEU B 37 -20.25 6.98 -9.19
CA LEU B 37 -19.08 6.14 -9.36
C LEU B 37 -18.82 5.25 -8.11
N ALA B 38 -18.36 4.02 -8.32
CA ALA B 38 -17.99 3.14 -7.20
C ALA B 38 -16.74 2.35 -7.60
N LYS B 39 -15.97 1.94 -6.59
CA LYS B 39 -14.80 1.09 -6.76
C LYS B 39 -15.11 -0.36 -6.27
N VAL B 40 -14.64 -1.38 -6.99
CA VAL B 40 -14.77 -2.76 -6.50
C VAL B 40 -13.40 -3.35 -6.59
N ILE B 41 -12.88 -3.82 -5.47
CA ILE B 41 -11.56 -4.40 -5.41
C ILE B 41 -11.86 -5.92 -5.29
N PRO B 42 -11.51 -6.67 -6.32
CA PRO B 42 -11.68 -8.13 -6.26
C PRO B 42 -10.77 -8.78 -5.22
N PRO B 43 -11.12 -9.98 -4.72
CA PRO B 43 -10.18 -10.78 -3.92
C PRO B 43 -8.84 -10.97 -4.62
N LYS B 44 -7.78 -11.04 -3.83
CA LYS B 44 -6.43 -11.05 -4.36
C LYS B 44 -6.14 -12.27 -5.21
N GLU B 45 -6.82 -13.39 -4.97
CA GLU B 45 -6.57 -14.58 -5.77
C GLU B 45 -7.34 -14.61 -7.06
N TRP B 46 -8.30 -13.71 -7.26
CA TRP B 46 -8.98 -13.62 -8.55
C TRP B 46 -8.03 -12.97 -9.53
N LYS B 47 -7.90 -13.54 -10.73
CA LYS B 47 -6.94 -13.07 -11.72
C LYS B 47 -7.36 -13.32 -13.18
N PRO B 48 -7.71 -12.25 -13.91
CA PRO B 48 -8.33 -12.42 -15.22
C PRO B 48 -7.40 -12.76 -16.39
N ARG B 49 -6.09 -12.57 -16.25
CA ARG B 49 -5.16 -13.02 -17.29
C ARG B 49 -3.83 -13.30 -16.62
N GLN B 50 -3.34 -14.52 -16.84
CA GLN B 50 -2.13 -15.02 -16.20
C GLN B 50 -0.93 -14.20 -16.58
N CYS B 51 -0.72 -13.93 -17.86
CA CYS B 51 0.45 -13.19 -18.23
C CYS B 51 0.14 -12.11 -19.27
N TYR B 52 0.61 -10.89 -19.01
CA TYR B 52 0.32 -9.76 -19.87
C TYR B 52 1.39 -9.56 -20.86
N ASP B 53 2.38 -10.47 -20.84
CA ASP B 53 3.54 -10.31 -21.70
C ASP B 53 3.16 -10.20 -23.18
N ASP B 54 2.21 -11.02 -23.63
CA ASP B 54 1.65 -10.90 -25.03
C ASP B 54 1.24 -9.51 -25.55
N ILE B 55 0.84 -8.62 -24.63
CA ILE B 55 0.07 -7.49 -25.03
C ILE B 55 0.98 -6.51 -25.70
N ASP B 56 2.28 -6.70 -25.51
CA ASP B 56 3.22 -5.87 -26.25
C ASP B 56 2.98 -5.85 -27.76
N ASN B 57 2.47 -6.95 -28.32
CA ASN B 57 2.23 -7.07 -29.79
C ASN B 57 0.94 -6.52 -30.38
N LEU B 58 0.06 -5.93 -29.57
CA LEU B 58 -1.16 -5.36 -30.11
C LEU B 58 -0.87 -4.16 -30.98
N LEU B 59 -1.64 -4.06 -32.06
CA LEU B 59 -1.60 -2.87 -32.85
C LEU B 59 -2.47 -1.84 -32.11
N ILE B 60 -2.07 -0.57 -32.22
CA ILE B 60 -2.93 0.51 -31.82
C ILE B 60 -3.20 1.28 -33.10
N PRO B 61 -4.32 0.91 -33.79
CA PRO B 61 -4.70 1.48 -35.08
C PRO B 61 -4.72 2.98 -35.06
N ALA B 62 -5.48 3.56 -34.13
CA ALA B 62 -5.72 5.00 -34.16
C ALA B 62 -5.26 5.71 -32.88
N PRO B 63 -3.92 5.82 -32.66
CA PRO B 63 -3.50 6.60 -31.52
C PRO B 63 -3.83 8.04 -31.75
N ILE B 64 -4.36 8.63 -30.70
CA ILE B 64 -4.82 9.96 -30.70
C ILE B 64 -3.88 10.83 -29.87
N GLN B 65 -3.40 11.91 -30.46
CA GLN B 65 -2.68 12.91 -29.73
C GLN B 65 -3.71 13.97 -29.27
N GLN B 66 -3.89 14.08 -27.95
CA GLN B 66 -4.85 15.06 -27.40
C GLN B 66 -4.25 16.41 -27.36
N MET B 67 -4.87 17.33 -28.08
CA MET B 67 -4.46 18.67 -28.11
C MET B 67 -5.45 19.48 -27.29
N VAL B 68 -4.99 20.08 -26.17
CA VAL B 68 -5.81 20.76 -25.17
C VAL B 68 -5.52 22.22 -25.21
N THR B 69 -6.56 23.03 -25.27
CA THR B 69 -6.39 24.44 -25.18
C THR B 69 -7.27 25.03 -24.13
N GLY B 70 -6.82 26.14 -23.57
CA GLY B 70 -7.59 26.90 -22.62
C GLY B 70 -6.77 27.33 -21.46
N GLN B 71 -7.45 27.85 -20.43
CA GLN B 71 -6.72 28.23 -19.20
C GLN B 71 -7.61 28.29 -18.01
N SER B 72 -6.93 28.39 -16.87
CA SER B 72 -7.46 28.41 -15.47
C SER B 72 -8.64 27.47 -15.22
N GLY B 73 -8.49 26.20 -15.65
CA GLY B 73 -9.41 25.10 -15.26
C GLY B 73 -10.54 24.83 -16.22
N LEU B 74 -10.53 25.52 -17.36
CA LEU B 74 -11.49 25.33 -18.42
C LEU B 74 -10.76 25.15 -19.73
N PHE B 75 -10.93 24.01 -20.37
CA PHE B 75 -10.20 23.65 -21.59
C PHE B 75 -11.06 22.96 -22.61
N THR B 76 -10.70 23.08 -23.88
CA THR B 76 -11.26 22.22 -24.87
C THR B 76 -10.16 21.40 -25.54
N GLN B 77 -10.53 20.25 -26.06
CA GLN B 77 -9.59 19.30 -26.52
C GLN B 77 -9.94 18.91 -27.95
N TYR B 78 -8.95 18.77 -28.83
CA TYR B 78 -9.20 18.16 -30.16
C TYR B 78 -8.19 17.07 -30.38
N ASN B 79 -8.53 16.13 -31.25
CA ASN B 79 -7.68 15.03 -31.50
C ASN B 79 -6.91 15.19 -32.81
N ILE B 80 -5.66 14.76 -32.81
CA ILE B 80 -4.83 14.58 -34.02
C ILE B 80 -4.56 13.11 -34.03
N GLN B 81 -5.13 12.41 -35.00
CA GLN B 81 -4.80 11.03 -35.21
C GLN B 81 -3.37 10.91 -35.74
N LYS B 82 -2.67 9.89 -35.29
CA LYS B 82 -1.24 9.74 -35.48
C LYS B 82 -1.07 8.40 -36.06
N LYS B 83 -0.06 8.31 -36.93
CA LYS B 83 0.32 7.04 -37.57
C LYS B 83 0.29 5.93 -36.52
N ALA B 84 -0.22 4.76 -36.91
CA ALA B 84 -0.44 3.63 -35.98
C ALA B 84 0.89 3.18 -35.44
N MET B 85 0.80 2.32 -34.45
CA MET B 85 1.94 1.89 -33.70
C MET B 85 1.48 0.72 -32.84
N THR B 86 2.45 0.00 -32.28
CA THR B 86 2.28 -1.20 -31.46
C THR B 86 2.35 -0.74 -30.00
N VAL B 87 1.90 -1.59 -29.08
CA VAL B 87 1.85 -1.32 -27.68
C VAL B 87 3.28 -1.11 -27.13
N LYS B 88 4.17 -2.03 -27.49
CA LYS B 88 5.61 -1.86 -27.30
C LYS B 88 6.11 -0.49 -27.72
N GLU B 89 5.86 -0.12 -28.95
CA GLU B 89 6.27 1.20 -29.38
C GLU B 89 5.65 2.29 -28.47
N PHE B 90 4.44 1.99 -27.93
CA PHE B 90 3.66 2.94 -27.14
C PHE B 90 4.13 2.98 -25.65
N ARG B 91 4.31 1.80 -25.06
CA ARG B 91 4.92 1.63 -23.73
C ARG B 91 6.25 2.34 -23.70
N GLN B 92 7.03 2.16 -24.75
CA GLN B 92 8.33 2.77 -24.82
C GLN B 92 8.28 4.25 -24.98
N LEU B 93 7.31 4.73 -25.78
CA LEU B 93 7.10 6.17 -25.94
C LEU B 93 6.59 6.75 -24.60
N ALA B 94 5.69 6.06 -23.92
CA ALA B 94 5.18 6.57 -22.64
C ALA B 94 6.29 6.75 -21.62
N ASN B 95 7.21 5.78 -21.57
CA ASN B 95 8.22 5.77 -20.57
C ASN B 95 9.37 6.63 -20.94
N SER B 96 9.38 7.21 -22.13
CA SER B 96 10.42 8.14 -22.47
C SER B 96 10.37 9.49 -21.71
N GLY B 97 11.48 10.20 -21.74
CA GLY B 97 11.63 11.53 -21.11
C GLY B 97 10.56 12.58 -21.43
N LYS B 98 10.10 12.58 -22.67
CA LYS B 98 9.08 13.54 -23.11
C LYS B 98 7.70 13.28 -22.55
N TYR B 99 7.34 12.01 -22.33
CA TYR B 99 5.99 11.54 -22.02
C TYR B 99 5.84 10.92 -20.65
N CYS B 100 6.93 10.58 -19.96
CA CYS B 100 6.83 9.87 -18.66
C CYS B 100 6.23 10.74 -17.57
N THR B 101 5.65 10.06 -16.59
CA THR B 101 5.12 10.65 -15.36
C THR B 101 6.17 11.54 -14.73
N PRO B 102 5.81 12.75 -14.30
CA PRO B 102 6.78 13.59 -13.60
C PRO B 102 7.07 13.03 -12.21
N ARG B 103 8.15 13.50 -11.59
CA ARG B 103 8.42 13.14 -10.17
C ARG B 103 7.27 13.77 -9.39
N TYR B 104 6.82 13.10 -8.34
CA TYR B 104 5.70 13.63 -7.51
C TYR B 104 5.76 13.02 -6.11
N LEU B 105 5.11 13.72 -5.16
CA LEU B 105 5.11 13.31 -3.72
C LEU B 105 4.03 12.29 -3.44
N ASP B 106 2.80 12.59 -3.79
CA ASP B 106 1.67 11.76 -3.53
C ASP B 106 0.61 12.12 -4.62
N TYR B 107 -0.54 11.43 -4.58
CA TYR B 107 -1.55 11.59 -5.62
C TYR B 107 -2.08 12.94 -5.75
N GLU B 108 -2.16 13.65 -4.61
CA GLU B 108 -2.61 14.99 -4.61
C GLU B 108 -1.63 15.84 -5.38
N ASP B 109 -0.36 15.60 -5.11
CA ASP B 109 0.72 16.38 -5.80
C ASP B 109 0.63 16.15 -7.34
N LEU B 110 0.47 14.89 -7.74
CA LEU B 110 0.34 14.58 -9.17
C LEU B 110 -0.88 15.22 -9.82
N GLU B 111 -2.00 15.21 -9.13
CA GLU B 111 -3.21 15.89 -9.62
C GLU B 111 -2.94 17.42 -9.84
N ARG B 112 -2.27 18.14 -8.94
CA ARG B 112 -1.94 19.55 -9.17
C ARG B 112 -1.09 19.72 -10.45
N LYS B 113 -0.15 18.81 -10.63
CA LYS B 113 0.77 18.84 -11.74
C LYS B 113 0.03 18.52 -13.09
N TYR B 114 -0.96 17.66 -13.10
CA TYR B 114 -1.84 17.50 -14.26
C TYR B 114 -2.49 18.78 -14.72
N TRP B 115 -3.10 19.50 -13.78
CA TRP B 115 -3.87 20.67 -14.20
C TRP B 115 -2.94 21.80 -14.58
N LYS B 116 -1.77 21.85 -13.96
CA LYS B 116 -0.77 22.88 -14.21
C LYS B 116 -0.03 22.63 -15.56
N ASN B 117 0.01 21.38 -16.03
CA ASN B 117 0.84 21.05 -17.24
C ASN B 117 0.09 20.60 -18.49
N LEU B 118 -1.22 20.65 -18.40
CA LEU B 118 -2.11 20.20 -19.45
C LEU B 118 -1.82 20.79 -20.86
N THR B 119 -1.34 22.02 -20.91
CA THR B 119 -1.14 22.69 -22.19
C THR B 119 0.32 22.76 -22.64
N PHE B 120 1.18 21.90 -22.08
CA PHE B 120 2.52 21.78 -22.58
C PHE B 120 2.55 20.57 -23.46
N VAL B 121 3.39 19.59 -23.21
CA VAL B 121 3.45 18.45 -24.12
C VAL B 121 2.09 17.72 -24.27
N ALA B 122 1.77 17.31 -25.50
CA ALA B 122 0.54 16.64 -25.84
C ALA B 122 0.60 15.14 -25.76
N PRO B 123 -0.20 14.55 -24.86
CA PRO B 123 -0.13 13.15 -24.63
C PRO B 123 -0.90 12.41 -25.70
N ILE B 124 -0.50 11.18 -25.97
CA ILE B 124 -1.03 10.30 -26.95
C ILE B 124 -1.70 9.12 -26.24
N TYR B 125 -2.95 8.78 -26.62
CA TYR B 125 -3.79 7.71 -26.03
CA TYR B 125 -3.60 7.59 -26.06
C TYR B 125 -4.07 6.67 -27.14
N GLY B 126 -4.25 5.42 -26.78
CA GLY B 126 -4.86 4.44 -27.66
C GLY B 126 -6.13 3.94 -26.97
N ALA B 127 -7.29 4.25 -27.56
CA ALA B 127 -8.61 3.98 -26.96
C ALA B 127 -9.57 3.32 -27.91
N ASP B 128 -10.66 2.81 -27.36
CA ASP B 128 -11.75 2.27 -28.14
C ASP B 128 -11.22 1.19 -29.13
N ILE B 129 -10.40 0.27 -28.60
CA ILE B 129 -9.89 -0.87 -29.33
C ILE B 129 -10.82 -2.00 -29.03
N ASN B 130 -11.39 -2.59 -30.06
CA ASN B 130 -12.26 -3.72 -29.86
C ASN B 130 -11.43 -4.84 -29.34
N GLY B 131 -11.92 -5.50 -28.32
CA GLY B 131 -11.20 -6.61 -27.72
C GLY B 131 -11.27 -6.62 -26.22
N SER B 132 -11.12 -7.82 -25.70
CA SER B 132 -10.91 -8.09 -24.30
C SER B 132 -9.57 -8.80 -24.20
N ILE B 133 -8.93 -8.72 -23.05
CA ILE B 133 -7.67 -9.46 -22.87
C ILE B 133 -7.76 -10.34 -21.69
N TYR B 134 -8.98 -10.68 -21.27
CA TYR B 134 -9.16 -11.73 -20.26
C TYR B 134 -8.80 -13.08 -20.88
N ASP B 135 -8.39 -14.05 -20.07
CA ASP B 135 -8.20 -15.43 -20.54
C ASP B 135 -9.55 -16.12 -20.71
N GLU B 136 -9.58 -17.07 -21.63
CA GLU B 136 -10.73 -17.91 -21.86
C GLU B 136 -11.12 -18.61 -20.57
N GLY B 137 -12.41 -18.78 -20.36
CA GLY B 137 -12.87 -19.53 -19.24
C GLY B 137 -12.89 -18.76 -17.94
N VAL B 138 -12.53 -17.48 -17.95
CA VAL B 138 -12.76 -16.67 -16.76
C VAL B 138 -14.23 -16.24 -16.83
N ASP B 139 -15.01 -16.61 -15.83
CA ASP B 139 -16.43 -16.38 -15.94
C ASP B 139 -16.94 -15.29 -15.01
N GLU B 140 -16.15 -14.91 -13.99
CA GLU B 140 -16.57 -13.85 -13.07
C GLU B 140 -16.21 -12.48 -13.64
N TRP B 141 -17.16 -11.55 -13.64
CA TRP B 141 -16.92 -10.20 -14.12
C TRP B 141 -16.29 -10.11 -15.50
N ASN B 142 -16.71 -11.01 -16.38
CA ASN B 142 -16.23 -10.97 -17.75
C ASN B 142 -16.91 -9.85 -18.52
N ILE B 143 -16.13 -8.80 -18.73
CA ILE B 143 -16.56 -7.60 -19.40
C ILE B 143 -17.14 -7.92 -20.79
N ALA B 144 -16.62 -8.99 -21.43
CA ALA B 144 -17.06 -9.42 -22.74
C ALA B 144 -18.46 -10.03 -22.71
N ARG B 145 -18.96 -10.43 -21.56
CA ARG B 145 -20.25 -11.09 -21.53
C ARG B 145 -20.84 -11.04 -20.13
N LEU B 146 -21.32 -9.85 -19.75
CA LEU B 146 -21.86 -9.59 -18.41
C LEU B 146 -23.30 -10.01 -18.28
N ASN B 147 -23.96 -10.00 -19.41
CA ASN B 147 -25.32 -10.46 -19.49
C ASN B 147 -26.28 -9.71 -18.60
N THR B 148 -26.53 -8.47 -19.00
CA THR B 148 -27.53 -7.61 -18.36
C THR B 148 -28.61 -7.37 -19.43
N VAL B 149 -29.43 -6.32 -19.25
CA VAL B 149 -30.63 -6.17 -20.05
C VAL B 149 -30.33 -5.81 -21.48
N LEU B 150 -29.19 -5.21 -21.70
CA LEU B 150 -28.77 -4.93 -23.07
C LEU B 150 -28.62 -6.15 -23.90
N ASP B 151 -28.14 -7.22 -23.30
CA ASP B 151 -27.81 -8.38 -24.09
C ASP B 151 -29.07 -9.15 -24.36
N VAL B 152 -29.95 -9.10 -23.38
CA VAL B 152 -31.20 -9.83 -23.41
C VAL B 152 -32.03 -9.33 -24.62
N VAL B 153 -32.23 -8.01 -24.74
CA VAL B 153 -32.96 -7.49 -25.90
C VAL B 153 -32.24 -7.61 -27.24
N GLU B 154 -30.92 -7.38 -27.26
CA GLU B 154 -30.16 -7.59 -28.46
C GLU B 154 -30.33 -9.03 -28.98
N GLU B 155 -29.90 -9.99 -28.16
CA GLU B 155 -30.03 -11.41 -28.49
C GLU B 155 -31.48 -11.94 -28.68
N GLU B 156 -32.43 -11.60 -27.78
CA GLU B 156 -33.79 -12.19 -27.93
C GLU B 156 -34.74 -11.37 -28.80
N CYS B 157 -34.50 -10.06 -28.95
CA CYS B 157 -35.44 -9.20 -29.66
C CYS B 157 -34.87 -8.62 -30.94
N GLY B 158 -33.59 -8.81 -31.20
CA GLY B 158 -32.99 -8.35 -32.46
C GLY B 158 -32.69 -6.87 -32.48
N ILE B 159 -32.66 -6.25 -31.31
CA ILE B 159 -32.42 -4.80 -31.23
C ILE B 159 -30.93 -4.49 -31.35
N SER B 160 -30.61 -3.46 -32.14
CA SER B 160 -29.23 -3.02 -32.42
C SER B 160 -28.65 -2.32 -31.19
N ILE B 161 -27.44 -2.69 -30.73
CA ILE B 161 -26.87 -2.07 -29.51
C ILE B 161 -25.76 -1.04 -29.82
N GLU B 162 -25.54 -0.78 -31.12
CA GLU B 162 -24.49 0.14 -31.61
C GLU B 162 -23.09 -0.22 -31.10
N GLY B 163 -22.92 -1.47 -30.63
CA GLY B 163 -21.63 -1.98 -30.28
C GLY B 163 -21.10 -1.33 -29.02
N VAL B 164 -21.98 -0.92 -28.11
CA VAL B 164 -21.50 -0.39 -26.85
C VAL B 164 -21.41 -1.42 -25.76
N ASN B 165 -22.08 -2.57 -25.94
CA ASN B 165 -22.01 -3.65 -24.96
C ASN B 165 -20.94 -4.68 -25.32
N THR B 166 -19.96 -4.29 -26.11
CA THR B 166 -18.83 -5.11 -26.42
C THR B 166 -17.59 -4.48 -25.77
N PRO B 167 -16.50 -5.26 -25.57
CA PRO B 167 -15.31 -4.80 -24.85
C PRO B 167 -14.39 -3.88 -25.62
N TYR B 168 -13.85 -2.86 -24.92
CA TYR B 168 -12.86 -1.97 -25.49
C TYR B 168 -11.63 -1.91 -24.59
N LEU B 169 -10.48 -1.70 -25.20
CA LEU B 169 -9.23 -1.62 -24.49
C LEU B 169 -8.77 -0.22 -24.63
N TYR B 170 -8.13 0.27 -23.58
CA TYR B 170 -7.54 1.59 -23.52
C TYR B 170 -6.09 1.49 -23.04
N PHE B 171 -5.17 2.14 -23.74
CA PHE B 171 -3.79 2.27 -23.30
C PHE B 171 -3.47 3.75 -23.02
N GLY B 172 -3.28 4.07 -21.73
CA GLY B 172 -2.95 5.44 -21.29
C GLY B 172 -1.45 5.66 -21.16
N MET B 173 -1.07 6.90 -21.17
CA MET B 173 0.24 7.36 -20.71
C MET B 173 -0.07 8.56 -19.81
N TRP B 174 1.01 9.20 -19.32
CA TRP B 174 0.83 10.31 -18.41
C TRP B 174 0.09 11.46 -19.06
N LYS B 175 -0.89 11.96 -18.34
CA LYS B 175 -1.55 13.16 -18.73
C LYS B 175 -2.65 12.96 -19.75
N THR B 176 -2.92 11.72 -20.15
CA THR B 176 -4.04 11.45 -21.07
C THR B 176 -5.38 11.63 -20.32
N THR B 177 -6.29 12.34 -20.98
CA THR B 177 -7.51 12.86 -20.36
C THR B 177 -8.70 12.03 -20.82
N PHE B 178 -9.63 11.85 -19.90
CA PHE B 178 -11.02 11.57 -20.30
C PHE B 178 -11.88 12.72 -19.79
N ALA B 179 -12.45 13.42 -20.74
CA ALA B 179 -13.16 14.64 -20.44
C ALA B 179 -14.55 14.38 -19.82
N TRP B 180 -15.24 15.44 -19.33
CA TRP B 180 -16.52 15.32 -18.64
C TRP B 180 -17.59 14.69 -19.53
N HIS B 181 -18.17 13.58 -19.10
CA HIS B 181 -19.26 12.95 -19.81
C HIS B 181 -20.09 12.05 -18.90
N THR B 182 -21.28 11.76 -19.38
CA THR B 182 -22.04 10.58 -18.97
C THR B 182 -21.98 9.54 -20.11
N GLU B 183 -22.38 8.31 -19.90
CA GLU B 183 -22.19 7.32 -20.94
C GLU B 183 -23.28 7.46 -22.01
N ASP B 184 -23.02 6.87 -23.19
CA ASP B 184 -24.04 6.77 -24.25
C ASP B 184 -25.37 6.34 -23.70
N MET B 185 -26.43 7.05 -24.05
CA MET B 185 -27.75 6.75 -23.51
C MET B 185 -27.83 6.75 -21.99
N ASP B 186 -26.92 7.50 -21.33
CA ASP B 186 -26.81 7.49 -19.88
C ASP B 186 -26.72 6.13 -19.28
N LEU B 187 -26.03 5.19 -19.94
CA LEU B 187 -25.95 3.82 -19.40
C LEU B 187 -24.95 3.75 -18.22
N TYR B 188 -24.88 2.57 -17.58
CA TYR B 188 -23.76 2.21 -16.68
C TYR B 188 -22.48 1.98 -17.47
N SER B 189 -21.34 2.05 -16.79
CA SER B 189 -20.12 1.52 -17.38
C SER B 189 -19.29 0.75 -16.35
N ILE B 190 -18.41 -0.11 -16.85
CA ILE B 190 -17.49 -0.85 -15.99
C ILE B 190 -16.09 -0.73 -16.62
N ASN B 191 -15.09 -0.56 -15.76
CA ASN B 191 -13.78 -0.29 -16.22
C ASN B 191 -12.82 -1.16 -15.31
N TYR B 192 -11.97 -1.95 -15.96
CA TYR B 192 -11.01 -2.78 -15.19
C TYR B 192 -9.63 -2.33 -15.51
N LEU B 193 -8.82 -1.97 -14.49
CA LEU B 193 -7.46 -1.55 -14.82
C LEU B 193 -6.58 -2.80 -14.81
N HIS B 194 -6.09 -3.22 -15.99
CA HIS B 194 -5.39 -4.52 -16.09
C HIS B 194 -3.97 -4.44 -15.47
N PHE B 195 -3.16 -3.55 -16.02
CA PHE B 195 -1.84 -3.38 -15.52
C PHE B 195 -1.42 -1.94 -15.63
N GLY B 196 -0.44 -1.57 -14.81
CA GLY B 196 0.28 -0.33 -15.11
C GLY B 196 -0.15 0.71 -14.07
N GLU B 197 0.02 1.95 -14.44
CA GLU B 197 -0.11 3.04 -13.46
C GLU B 197 -1.57 3.38 -13.25
N PRO B 198 -1.86 4.06 -12.15
CA PRO B 198 -3.22 4.36 -11.88
C PRO B 198 -3.96 5.30 -12.80
N LYS B 199 -5.27 5.39 -12.54
CA LYS B 199 -6.17 6.29 -13.22
C LYS B 199 -6.92 7.06 -12.17
N SER B 200 -6.89 8.38 -12.24
CA SER B 200 -7.66 9.20 -11.29
C SER B 200 -8.97 9.59 -11.89
N TRP B 201 -10.02 9.54 -11.07
CA TRP B 201 -11.37 9.85 -11.52
C TRP B 201 -11.99 11.01 -10.67
N TYR B 202 -12.83 11.81 -11.32
CA TYR B 202 -13.79 12.71 -10.66
C TYR B 202 -15.21 12.25 -11.03
N ALA B 203 -16.13 12.45 -10.13
CA ALA B 203 -17.54 12.11 -10.34
C ALA B 203 -18.47 13.09 -9.64
N ILE B 204 -19.56 13.42 -10.32
CA ILE B 204 -20.58 14.28 -9.80
C ILE B 204 -21.84 13.38 -9.60
N PRO B 205 -22.49 13.49 -8.43
CA PRO B 205 -23.68 12.68 -8.19
C PRO B 205 -24.71 12.89 -9.29
N PRO B 206 -25.40 11.80 -9.69
CA PRO B 206 -26.48 12.04 -10.61
C PRO B 206 -27.53 13.08 -10.18
N GLU B 207 -27.84 13.17 -8.90
CA GLU B 207 -28.75 14.18 -8.44
C GLU B 207 -28.24 15.62 -8.71
N HIS B 208 -26.96 15.83 -9.08
CA HIS B 208 -26.45 17.18 -9.39
C HIS B 208 -25.96 17.39 -10.80
N GLY B 209 -26.23 16.42 -11.66
CA GLY B 209 -25.75 16.44 -13.04
C GLY B 209 -26.22 17.61 -13.86
N LYS B 210 -27.50 18.00 -13.69
CA LYS B 210 -28.05 19.15 -14.42
C LYS B 210 -27.24 20.43 -14.10
N ARG B 211 -26.77 20.53 -12.90
CA ARG B 211 -25.92 21.63 -12.50
C ARG B 211 -24.65 21.68 -13.28
N LEU B 212 -23.99 20.52 -13.42
CA LEU B 212 -22.80 20.52 -14.19
C LEU B 212 -23.17 20.96 -15.63
N GLU B 213 -24.28 20.50 -16.19
CA GLU B 213 -24.60 20.84 -17.59
C GLU B 213 -24.84 22.31 -17.75
N ARG B 214 -25.58 22.87 -16.81
CA ARG B 214 -25.76 24.33 -16.80
C ARG B 214 -24.43 25.10 -16.66
N LEU B 215 -23.53 24.67 -15.78
CA LEU B 215 -22.28 25.39 -15.65
C LEU B 215 -21.45 25.29 -16.95
N ALA B 216 -21.51 24.13 -17.56
CA ALA B 216 -20.74 23.92 -18.73
C ALA B 216 -21.29 24.82 -19.83
N GLN B 217 -22.61 24.84 -20.00
CA GLN B 217 -23.23 25.73 -20.97
C GLN B 217 -22.82 27.16 -20.85
N GLY B 218 -22.67 27.66 -19.64
CA GLY B 218 -22.28 29.04 -19.39
C GLY B 218 -20.84 29.37 -19.74
N PHE B 219 -19.94 28.41 -19.51
CA PHE B 219 -18.54 28.57 -19.86
C PHE B 219 -18.18 28.23 -21.30
N PHE B 220 -18.95 27.37 -21.95
CA PHE B 220 -18.67 26.97 -23.34
C PHE B 220 -19.89 27.24 -24.23
N PRO B 221 -20.33 28.52 -24.26
CA PRO B 221 -21.59 28.87 -24.97
C PRO B 221 -21.52 28.60 -26.49
N SER B 222 -20.33 28.75 -27.09
CA SER B 222 -20.21 28.38 -28.49
C SER B 222 -20.42 26.90 -28.75
N SER B 223 -19.70 26.03 -28.05
CA SER B 223 -19.96 24.59 -28.17
C SER B 223 -21.44 24.27 -27.86
N SER B 224 -22.01 24.95 -26.86
CA SER B 224 -23.41 24.65 -26.49
C SER B 224 -24.36 25.08 -27.58
N GLN B 225 -24.13 26.29 -28.11
CA GLN B 225 -24.93 26.82 -29.20
C GLN B 225 -24.91 25.77 -30.30
N GLY B 226 -23.79 25.08 -30.48
CA GLY B 226 -23.63 24.10 -31.55
C GLY B 226 -24.23 22.73 -31.40
N CYS B 227 -24.47 22.30 -30.15
CA CYS B 227 -25.11 21.04 -29.91
C CYS B 227 -25.69 20.97 -28.47
N ASP B 228 -26.95 20.58 -28.32
CA ASP B 228 -27.58 20.49 -26.97
C ASP B 228 -26.80 19.54 -26.02
N ALA B 229 -26.29 18.44 -26.55
CA ALA B 229 -25.57 17.46 -25.74
C ALA B 229 -24.08 17.47 -26.02
N PHE B 230 -23.49 18.66 -26.12
CA PHE B 230 -22.09 18.80 -26.53
C PHE B 230 -21.06 18.13 -25.60
N LEU B 231 -21.42 17.92 -24.33
CA LEU B 231 -20.54 17.18 -23.46
C LEU B 231 -20.31 15.75 -23.93
N ARG B 232 -21.29 15.18 -24.62
CA ARG B 232 -21.10 13.89 -25.25
C ARG B 232 -20.01 13.85 -26.34
N HIS B 233 -19.47 14.98 -26.76
CA HIS B 233 -18.29 14.91 -27.66
C HIS B 233 -16.98 14.63 -26.92
N LYS B 234 -17.04 14.72 -25.58
CA LYS B 234 -15.92 14.44 -24.70
C LYS B 234 -14.69 15.29 -24.97
N MET B 235 -14.89 16.58 -25.12
CA MET B 235 -13.83 17.43 -25.42
C MET B 235 -13.78 18.57 -24.42
N THR B 236 -14.57 18.49 -23.33
CA THR B 236 -14.68 19.63 -22.39
C THR B 236 -14.10 19.26 -21.01
N LEU B 237 -13.07 19.99 -20.62
CA LEU B 237 -12.36 19.72 -19.41
C LEU B 237 -12.72 20.86 -18.46
N ILE B 238 -13.10 20.53 -17.24
CA ILE B 238 -13.35 21.51 -16.14
C ILE B 238 -12.72 21.04 -14.85
N SER B 239 -11.96 21.91 -14.23
CA SER B 239 -11.08 21.48 -13.15
C SER B 239 -11.87 21.47 -11.84
N PRO B 240 -11.44 20.61 -10.88
CA PRO B 240 -12.09 20.57 -9.55
C PRO B 240 -12.15 21.95 -8.88
N SER B 241 -11.17 22.82 -9.18
CA SER B 241 -11.17 24.21 -8.64
C SER B 241 -12.35 24.99 -9.09
N VAL B 242 -12.69 24.87 -10.36
CA VAL B 242 -13.87 25.52 -10.92
C VAL B 242 -15.12 24.94 -10.28
N LEU B 243 -15.14 23.64 -10.12
CA LEU B 243 -16.32 23.02 -9.50
C LEU B 243 -16.52 23.55 -8.08
N LYS B 244 -15.45 23.60 -7.30
CA LYS B 244 -15.55 24.08 -5.89
C LYS B 244 -16.06 25.50 -5.87
N LYS B 245 -15.48 26.32 -6.73
CA LYS B 245 -15.80 27.76 -6.81
C LYS B 245 -17.28 27.95 -7.06
N TYR B 246 -17.85 27.11 -7.93
CA TYR B 246 -19.24 27.25 -8.28
C TYR B 246 -20.18 26.37 -7.50
N GLY B 247 -19.72 25.78 -6.42
CA GLY B 247 -20.61 25.03 -5.56
C GLY B 247 -21.11 23.71 -6.11
N ILE B 248 -20.45 23.11 -7.09
CA ILE B 248 -20.87 21.80 -7.68
C ILE B 248 -20.31 20.62 -6.83
N PRO B 249 -21.17 19.82 -6.18
CA PRO B 249 -20.59 18.73 -5.39
C PRO B 249 -19.96 17.62 -6.29
N PHE B 250 -18.81 17.09 -5.90
CA PHE B 250 -18.09 16.13 -6.68
C PHE B 250 -17.22 15.38 -5.71
N ASP B 251 -16.67 14.23 -6.11
CA ASP B 251 -15.71 13.49 -5.31
C ASP B 251 -14.68 12.98 -6.30
N LYS B 252 -13.58 12.49 -5.77
CA LYS B 252 -12.43 12.00 -6.53
C LYS B 252 -11.85 10.78 -5.91
N ILE B 253 -11.33 9.89 -6.75
CA ILE B 253 -10.74 8.67 -6.29
C ILE B 253 -9.67 8.20 -7.29
N THR B 254 -8.71 7.40 -6.84
CA THR B 254 -7.70 6.87 -7.70
C THR B 254 -7.89 5.37 -7.77
N GLN B 255 -7.85 4.88 -9.01
CA GLN B 255 -8.02 3.45 -9.34
C GLN B 255 -6.65 2.91 -9.69
N GLU B 256 -6.26 1.83 -8.97
CA GLU B 256 -4.99 1.15 -9.11
C GLU B 256 -5.17 -0.14 -9.89
N ALA B 257 -4.06 -0.61 -10.48
CA ALA B 257 -4.08 -1.82 -11.32
C ALA B 257 -4.77 -2.87 -10.49
N GLY B 258 -5.60 -3.72 -11.12
CA GLY B 258 -6.39 -4.76 -10.39
C GLY B 258 -7.76 -4.39 -9.83
N GLU B 259 -8.20 -3.12 -9.99
CA GLU B 259 -9.46 -2.61 -9.45
C GLU B 259 -10.51 -2.27 -10.53
N PHE B 260 -11.78 -2.46 -10.18
CA PHE B 260 -12.86 -2.12 -11.09
C PHE B 260 -13.35 -0.78 -10.65
N MET B 261 -13.68 0.07 -11.61
CA MET B 261 -14.62 1.19 -11.37
C MET B 261 -15.91 0.92 -12.20
N ILE B 262 -17.05 1.21 -11.59
CA ILE B 262 -18.37 1.21 -12.21
C ILE B 262 -18.94 2.63 -12.17
N THR B 263 -19.40 3.14 -13.31
CA THR B 263 -20.16 4.39 -13.35
C THR B 263 -21.64 4.02 -13.45
N PHE B 264 -22.46 4.89 -12.88
CA PHE B 264 -23.91 4.68 -12.81
C PHE B 264 -24.63 5.66 -13.76
N PRO B 265 -25.87 5.31 -14.14
CA PRO B 265 -26.65 6.11 -15.01
C PRO B 265 -26.66 7.61 -14.68
N TYR B 266 -26.22 8.41 -15.63
CA TYR B 266 -26.17 9.86 -15.52
C TYR B 266 -25.20 10.39 -14.41
N GLY B 267 -24.18 9.62 -14.06
CA GLY B 267 -23.16 10.09 -13.22
C GLY B 267 -22.07 10.68 -14.07
N TYR B 268 -21.92 12.00 -14.07
CA TYR B 268 -20.85 12.63 -14.83
C TYR B 268 -19.52 12.27 -14.25
N HIS B 269 -18.55 11.99 -15.11
CA HIS B 269 -17.21 11.71 -14.65
C HIS B 269 -16.19 12.19 -15.68
N ALA B 270 -14.98 12.34 -15.16
CA ALA B 270 -13.80 12.77 -15.90
C ALA B 270 -12.53 12.27 -15.23
N GLY B 271 -11.38 12.39 -15.88
CA GLY B 271 -10.19 11.96 -15.17
C GLY B 271 -8.94 11.98 -15.99
N PHE B 272 -7.85 11.45 -15.41
CA PHE B 272 -6.63 11.35 -16.13
C PHE B 272 -5.82 10.12 -15.76
N ASN B 273 -4.90 9.72 -16.64
CA ASN B 273 -4.09 8.60 -16.33
C ASN B 273 -2.74 9.09 -15.79
N HIS B 274 -2.20 8.36 -14.84
CA HIS B 274 -0.95 8.69 -14.14
C HIS B 274 0.30 8.35 -14.98
N GLY B 275 0.12 7.51 -15.97
CA GLY B 275 1.25 6.95 -16.70
C GLY B 275 0.80 5.78 -17.54
N PHE B 276 1.76 5.01 -18.06
CA PHE B 276 1.45 3.86 -18.93
C PHE B 276 0.57 2.87 -18.24
N ASN B 277 -0.58 2.60 -18.86
CA ASN B 277 -1.46 1.57 -18.35
C ASN B 277 -2.39 0.96 -19.42
N CYS B 278 -3.09 -0.08 -19.02
CA CYS B 278 -4.06 -0.83 -19.86
C CYS B 278 -5.34 -1.07 -19.17
N ALA B 279 -6.45 -0.64 -19.76
CA ALA B 279 -7.71 -0.78 -19.10
C ALA B 279 -8.73 -1.39 -20.10
N GLU B 280 -9.72 -2.09 -19.56
CA GLU B 280 -10.77 -2.70 -20.36
C GLU B 280 -12.18 -2.29 -19.86
N SER B 281 -13.05 -1.96 -20.82
CA SER B 281 -14.39 -1.41 -20.51
C SER B 281 -15.43 -1.78 -21.58
N THR B 282 -16.67 -1.55 -21.16
CA THR B 282 -17.94 -1.70 -21.89
C THR B 282 -19.08 -1.04 -21.06
N ASN B 283 -20.22 -0.85 -21.72
CA ASN B 283 -21.41 -0.35 -21.09
C ASN B 283 -22.36 -1.49 -20.80
N PHE B 284 -23.20 -1.31 -19.80
CA PHE B 284 -24.24 -2.26 -19.43
C PHE B 284 -25.51 -1.53 -18.88
N ALA B 285 -26.59 -2.28 -18.61
CA ALA B 285 -27.82 -1.71 -18.04
C ALA B 285 -28.42 -2.62 -17.05
N THR B 286 -29.26 -2.05 -16.20
CA THR B 286 -30.13 -2.73 -15.33
C THR B 286 -31.54 -2.15 -15.62
N VAL B 287 -32.56 -2.68 -14.97
CA VAL B 287 -33.93 -2.15 -15.04
C VAL B 287 -34.06 -0.69 -14.58
N ARG B 288 -33.36 -0.35 -13.49
CA ARG B 288 -33.25 1.04 -13.03
C ARG B 288 -32.80 2.02 -14.12
N TRP B 289 -31.97 1.59 -15.08
CA TRP B 289 -31.51 2.51 -16.13
C TRP B 289 -32.59 2.96 -17.12
N ILE B 290 -33.64 2.17 -17.24
CA ILE B 290 -34.57 2.36 -18.34
C ILE B 290 -35.21 3.76 -18.31
N ASP B 291 -35.63 4.18 -17.15
CA ASP B 291 -36.10 5.56 -16.99
C ASP B 291 -35.09 6.62 -17.38
N TYR B 292 -33.80 6.31 -17.26
CA TYR B 292 -32.76 7.28 -17.66
C TYR B 292 -32.62 7.24 -19.18
N GLY B 293 -32.59 6.04 -19.74
CA GLY B 293 -32.48 5.94 -21.18
C GLY B 293 -33.62 6.65 -21.90
N LYS B 294 -34.82 6.57 -21.36
CA LYS B 294 -36.01 7.21 -21.97
C LYS B 294 -35.87 8.73 -22.01
N VAL B 295 -35.11 9.38 -21.11
CA VAL B 295 -34.99 10.83 -21.11
C VAL B 295 -33.58 11.29 -21.48
N ALA B 296 -32.71 10.39 -21.91
CA ALA B 296 -31.33 10.81 -22.10
C ALA B 296 -31.30 11.85 -23.21
N LYS B 297 -30.43 12.84 -23.07
CA LYS B 297 -30.33 13.95 -24.00
C LYS B 297 -29.27 13.60 -25.02
N LEU B 298 -29.56 13.64 -26.31
CA LEU B 298 -28.67 13.00 -27.29
C LEU B 298 -28.04 13.96 -28.23
N CYS B 299 -26.86 13.61 -28.78
CA CYS B 299 -26.14 14.52 -29.70
C CYS B 299 -26.95 14.57 -30.97
N THR B 300 -27.37 15.78 -31.32
CA THR B 300 -28.16 15.98 -32.53
C THR B 300 -27.18 16.03 -33.71
N CYS B 301 -26.04 16.69 -33.48
CA CYS B 301 -25.19 17.30 -34.50
C CYS B 301 -24.21 16.42 -35.25
N ARG B 302 -24.40 15.10 -35.23
CA ARG B 302 -23.54 14.19 -36.01
C ARG B 302 -24.26 12.91 -36.42
N LYS B 303 -23.98 12.47 -37.65
CA LYS B 303 -24.33 11.12 -38.12
C LYS B 303 -23.81 10.05 -37.16
N ASP B 304 -22.58 10.24 -36.68
CA ASP B 304 -21.84 9.26 -35.89
C ASP B 304 -22.64 8.70 -34.70
N MET B 305 -23.11 9.60 -33.84
CA MET B 305 -23.47 9.30 -32.46
C MET B 305 -24.46 8.17 -32.20
N VAL B 306 -24.18 7.38 -31.16
CA VAL B 306 -24.99 6.25 -30.66
C VAL B 306 -26.37 6.62 -30.08
N LYS B 307 -27.43 6.15 -30.72
CA LYS B 307 -28.78 6.20 -30.17
C LYS B 307 -29.28 4.76 -30.18
N ILE B 308 -29.81 4.30 -29.04
CA ILE B 308 -30.52 3.02 -28.93
C ILE B 308 -32.03 3.24 -28.77
N SER B 309 -32.83 2.57 -29.60
CA SER B 309 -34.30 2.57 -29.39
C SER B 309 -34.82 1.97 -28.07
N MET B 310 -35.62 2.75 -27.35
CA MET B 310 -36.05 2.40 -25.99
C MET B 310 -37.33 1.57 -25.91
N ASP B 311 -38.08 1.50 -27.02
CA ASP B 311 -39.37 0.87 -27.01
C ASP B 311 -39.34 -0.50 -26.41
N ILE B 312 -38.38 -1.31 -26.82
CA ILE B 312 -38.32 -2.71 -26.36
C ILE B 312 -38.24 -2.82 -24.83
N PHE B 313 -37.46 -1.90 -24.23
CA PHE B 313 -37.30 -1.93 -22.79
C PHE B 313 -38.53 -1.51 -22.05
N VAL B 314 -39.25 -0.50 -22.56
CA VAL B 314 -40.47 -0.08 -21.90
C VAL B 314 -41.54 -1.16 -22.12
N ARG B 315 -41.68 -1.68 -23.34
CA ARG B 315 -42.71 -2.75 -23.54
C ARG B 315 -42.50 -3.90 -22.59
N LYS B 316 -41.25 -4.33 -22.45
CA LYS B 316 -40.97 -5.57 -21.70
C LYS B 316 -40.90 -5.38 -20.21
N PHE B 317 -40.14 -4.38 -19.77
CA PHE B 317 -39.91 -4.18 -18.36
C PHE B 317 -40.82 -3.17 -17.66
N GLN B 318 -41.50 -2.30 -18.42
CA GLN B 318 -42.47 -1.35 -17.84
C GLN B 318 -43.85 -1.49 -18.52
N PRO B 319 -44.41 -2.69 -18.53
CA PRO B 319 -45.60 -2.82 -19.38
C PRO B 319 -46.80 -2.04 -18.83
N ASP B 320 -46.86 -1.79 -17.53
CA ASP B 320 -47.94 -0.95 -17.03
CA ASP B 320 -47.82 -0.93 -16.90
C ASP B 320 -47.77 0.54 -17.44
N ARG B 321 -46.65 0.95 -18.04
CA ARG B 321 -46.46 2.37 -18.45
C ARG B 321 -46.35 2.56 -19.95
N TYR B 322 -46.39 1.46 -20.72
CA TYR B 322 -45.96 1.52 -22.09
C TYR B 322 -46.85 2.34 -23.01
N GLN B 323 -48.14 2.10 -22.88
CA GLN B 323 -49.13 2.92 -23.60
C GLN B 323 -48.97 4.44 -23.29
N LEU B 324 -48.91 4.78 -21.99
CA LEU B 324 -48.72 6.19 -21.59
C LEU B 324 -47.46 6.74 -22.25
N TRP B 325 -46.40 5.95 -22.21
CA TRP B 325 -45.11 6.39 -22.78
C TRP B 325 -45.21 6.62 -24.27
N LYS B 326 -45.95 5.77 -24.98
CA LYS B 326 -46.06 5.94 -26.45
C LYS B 326 -46.99 7.07 -26.83
N GLN B 327 -47.88 7.45 -25.90
CA GLN B 327 -48.75 8.62 -26.06
C GLN B 327 -48.05 9.88 -25.63
N GLY B 328 -46.83 9.78 -25.13
CA GLY B 328 -46.10 10.97 -24.72
C GLY B 328 -46.56 11.53 -23.40
N LYS B 329 -47.24 10.71 -22.61
CA LYS B 329 -47.76 11.12 -21.33
C LYS B 329 -47.17 10.32 -20.13
N ASP B 330 -45.98 9.72 -20.31
CA ASP B 330 -45.32 9.02 -19.20
C ASP B 330 -44.42 10.07 -18.59
N ILE B 331 -44.97 10.73 -17.57
CA ILE B 331 -44.42 11.93 -16.91
C ILE B 331 -43.86 11.43 -15.60
N TYR B 332 -42.58 11.72 -15.39
CA TYR B 332 -41.94 11.40 -14.14
C TYR B 332 -40.72 12.21 -13.94
N THR B 333 -40.23 12.16 -12.70
CA THR B 333 -38.96 12.81 -12.43
C THR B 333 -38.13 11.77 -11.73
N ILE B 334 -36.92 11.56 -12.17
CA ILE B 334 -36.20 10.38 -11.67
C ILE B 334 -35.84 10.64 -10.19
N ASP B 335 -35.97 9.62 -9.36
CA ASP B 335 -35.45 9.65 -8.02
C ASP B 335 -34.11 8.95 -8.07
N HIS B 336 -33.06 9.72 -8.00
CA HIS B 336 -31.70 9.20 -8.17
C HIS B 336 -31.23 8.49 -6.94
N THR B 337 -31.97 8.59 -5.83
CA THR B 337 -31.55 8.01 -4.58
C THR B 337 -32.08 6.63 -4.40
N LYS B 338 -32.91 6.15 -5.29
CA LYS B 338 -33.23 4.73 -5.26
C LYS B 338 -33.38 4.19 -6.65
ZN ZN C . 2.47 -15.66 11.69
FE FE D . 15.31 -6.87 17.31
C1 OGA E . 16.21 -4.76 18.99
C2 OGA E . 15.81 -5.93 19.80
C4 OGA E . 15.11 -6.60 22.04
C5 OGA E . 15.25 -6.33 23.53
O1 OGA E . 16.60 -3.73 19.64
O2 OGA E . 16.29 -4.89 17.74
O2' OGA E . 15.66 -7.05 19.28
O3 OGA E . 14.50 -7.05 24.24
N1 OGA E . 15.70 -5.68 21.10
O4 OGA E . 16.06 -5.46 24.02
C1 PGE F . 9.11 9.99 33.89
O1 PGE F . 8.16 9.72 34.96
C2 PGE F . 8.36 10.32 32.61
O2 PGE F . 9.30 10.53 31.58
C3 PGE F . 9.44 9.48 30.61
C4 PGE F . 8.47 9.50 29.41
O4 PGE F . 4.43 7.62 29.39
C6 PGE F . 5.52 8.54 29.53
C5 PGE F . 6.63 8.11 28.59
O3 PGE F . 7.89 8.21 29.24
C1 EDO G . 16.68 -30.07 9.27
O1 EDO G . 15.59 -30.71 8.58
C2 EDO G . 16.62 -30.51 10.73
O2 EDO G . 17.90 -30.57 11.43
C1 PGE H . 33.33 8.94 4.31
O1 PGE H . 34.34 8.40 5.17
C2 PGE H . 32.60 7.83 3.55
O2 PGE H . 33.08 7.67 2.18
C3 PGE H . 33.74 6.38 2.05
C4 PGE H . 34.08 5.97 0.60
O4 PGE H . 33.44 2.56 -1.68
C6 PGE H . 32.35 3.36 -1.23
C5 PGE H . 32.72 3.97 0.13
O3 PGE H . 32.96 5.36 -0.08
ZN ZN I . -23.27 17.11 -30.85
FE FE J . -17.17 7.02 -19.11
C1 OGA K . -15.70 4.79 -18.52
C2 OGA K . -14.72 5.81 -18.99
C4 OGA K . -12.43 6.26 -19.56
C5 OGA K . -11.01 5.74 -19.74
O1 OGA K . -15.27 3.62 -18.20
O2 OGA K . -16.89 5.13 -18.35
O2' OGA K . -15.00 6.97 -19.25
O3 OGA K . -10.44 6.49 -20.60
N1 OGA K . -13.48 5.40 -19.08
O4 OGA K . -10.46 4.71 -19.13
O1 PG4 L . -10.90 -9.28 -34.66
C1 PG4 L . -9.76 -9.83 -33.99
C2 PG4 L . -8.54 -9.68 -34.91
O2 PG4 L . -7.36 -9.52 -34.12
C3 PG4 L . -7.07 -8.18 -33.71
C4 PG4 L . -6.37 -8.15 -32.36
O3 PG4 L . -7.21 -7.68 -31.28
C5 PG4 L . -6.50 -7.74 -30.02
C6 PG4 L . -7.35 -8.14 -28.79
O4 PG4 L . -6.84 -9.28 -28.07
C7 PG4 L . -5.45 -9.29 -27.63
C8 PG4 L . -4.76 -10.66 -27.50
O5 PG4 L . -3.32 -10.53 -27.70
#